data_8U0Q
#
_entry.id   8U0Q
#
_cell.length_a   83.335
_cell.length_b   97.928
_cell.length_c   123.806
_cell.angle_alpha   90.000
_cell.angle_beta   90.000
_cell.angle_gamma   90.000
#
_symmetry.space_group_name_H-M   'P 21 21 21'
#
loop_
_entity.id
_entity.type
_entity.pdbx_description
1 polymer 'Dihydrolipoyl dehydrogenase'
2 non-polymer 'FLAVIN-ADENINE DINUCLEOTIDE'
3 non-polymer N-(3-acetamidophenyl)-N~2~-[3-(difluoromethyl)-5-methylbenzene-1-sulfonyl]-N~2~-methylglycinamide
4 non-polymer GLYCEROL
5 water water
#
_entity_poly.entity_id   1
_entity_poly.type   'polypeptide(L)'
_entity_poly.pdbx_seq_one_letter_code
;GSMTHYDVVVLGAGPGGYVAAIRAAQLGLSTAIVEPKYWGGVCLNVGCIPSKALLRNAELVHIFTKDAKAFGISGEVTFD
YGIAYDRSRKVAEGRVAGVHFLMKKNKITEIHGYGTFADANTLLVDLNDGGTESVTFDNAIIATGSSTRLVPGTSLSANV
VTYEEQILSRELPKSIIIAGAGAIGMEFGYVLKNYGVDVTIVEFLPRALPNEDADVSKEIEKQFKKLGVTILTATKVESI
ADGGSQVTVTVTKDGVAQELKAEKVLQAIGFAPNVEGYGLDKAGVALTDRKAIGVDDYMRTNVGHIYAIGDVNGLLQLAH
VAEAQGVVAAETIAGAETLTLGDHRMLPRATFCQPNVASFGLTEQQARNEGYDVVVAKFPFTANAKAHGVGDPSGFVKLV
ADAKHGELLGGHLVGHDVAELLPELTLAQRWDLTASELARNVHTHPTMSEALQECFHGLVGHMINF
;
_entity_poly.pdbx_strand_id   A,B
#
loop_
_chem_comp.id
_chem_comp.type
_chem_comp.name
_chem_comp.formula
FAD non-polymer 'FLAVIN-ADENINE DINUCLEOTIDE' 'C27 H33 N9 O15 P2'
GOL non-polymer GLYCEROL 'C3 H8 O3'
U4I non-polymer N-(3-acetamidophenyl)-N~2~-[3-(difluoromethyl)-5-methylbenzene-1-sulfonyl]-N~2~-methylglycinamide 'C19 H21 F2 N3 O4 S'
#
# COMPACT_ATOMS: atom_id res chain seq x y z
N MET A 3 -19.06 5.55 44.97
CA MET A 3 -20.49 5.71 44.68
C MET A 3 -20.97 4.84 43.51
N THR A 4 -20.70 5.26 42.27
CA THR A 4 -21.09 4.45 41.13
C THR A 4 -20.09 3.32 40.88
N HIS A 5 -20.59 2.17 40.46
CA HIS A 5 -19.76 1.00 40.31
C HIS A 5 -19.79 0.49 38.86
N TYR A 6 -18.63 0.08 38.35
CA TYR A 6 -18.56 -0.47 37.00
C TYR A 6 -17.75 -1.75 37.02
N ASP A 7 -18.04 -2.63 36.05
CA ASP A 7 -17.20 -3.79 35.90
C ASP A 7 -15.78 -3.36 35.57
N VAL A 8 -15.65 -2.37 34.67
CA VAL A 8 -14.36 -1.91 34.16
C VAL A 8 -14.33 -0.39 34.13
N VAL A 9 -13.26 0.21 34.66
CA VAL A 9 -13.04 1.63 34.51
C VAL A 9 -11.74 1.80 33.75
N VAL A 10 -11.74 2.64 32.73
CA VAL A 10 -10.56 2.87 31.91
C VAL A 10 -10.07 4.27 32.20
N LEU A 11 -8.78 4.40 32.50
CA LEU A 11 -8.19 5.69 32.82
C LEU A 11 -7.40 6.19 31.60
N GLY A 12 -7.88 7.25 30.97
CA GLY A 12 -7.30 7.72 29.71
C GLY A 12 -8.04 7.29 28.44
N ALA A 13 -8.26 8.22 27.49
CA ALA A 13 -9.07 7.93 26.31
C ALA A 13 -8.27 8.04 25.02
N GLY A 14 -6.98 7.72 25.07
CA GLY A 14 -6.22 7.55 23.85
C GLY A 14 -6.62 6.31 23.10
N PRO A 15 -5.90 6.01 22.02
CA PRO A 15 -6.22 4.79 21.26
C PRO A 15 -6.20 3.54 22.12
N GLY A 16 -5.35 3.46 23.12
CA GLY A 16 -5.42 2.31 24.02
C GLY A 16 -6.69 2.29 24.83
N GLY A 17 -6.93 3.36 25.57
CA GLY A 17 -8.10 3.41 26.45
C GLY A 17 -9.43 3.25 25.69
N TYR A 18 -9.63 4.03 24.62
CA TYR A 18 -10.97 4.05 24.05
C TYR A 18 -11.25 2.74 23.30
N VAL A 19 -10.20 2.06 22.79
CA VAL A 19 -10.45 0.76 22.15
C VAL A 19 -10.67 -0.31 23.19
N ALA A 20 -9.92 -0.26 24.28
CA ALA A 20 -10.14 -1.20 25.38
C ALA A 20 -11.58 -1.07 25.90
N ALA A 21 -12.11 0.15 26.00
CA ALA A 21 -13.49 0.36 26.50
C ALA A 21 -14.53 -0.19 25.50
N ILE A 22 -14.28 -0.01 24.19
CA ILE A 22 -15.19 -0.58 23.19
C ILE A 22 -15.21 -2.09 23.29
N ARG A 23 -14.04 -2.70 23.41
CA ARG A 23 -13.99 -4.16 23.45
C ARG A 23 -14.61 -4.70 24.72
N ALA A 24 -14.33 -4.05 25.85
CA ALA A 24 -15.00 -4.44 27.11
C ALA A 24 -16.51 -4.35 26.95
N ALA A 25 -17.00 -3.24 26.37
CA ALA A 25 -18.43 -3.08 26.11
C ALA A 25 -18.96 -4.19 25.21
N GLN A 26 -18.23 -4.50 24.12
CA GLN A 26 -18.67 -5.56 23.24
C GLN A 26 -18.80 -6.88 23.98
N LEU A 27 -18.00 -7.10 25.03
CA LEU A 27 -18.01 -8.34 25.80
C LEU A 27 -19.01 -8.29 26.96
N GLY A 28 -19.82 -7.25 27.03
CA GLY A 28 -20.91 -7.17 27.99
C GLY A 28 -20.52 -6.65 29.36
N LEU A 29 -19.34 -6.06 29.52
CA LEU A 29 -18.93 -5.49 30.79
C LEU A 29 -19.37 -4.03 30.86
N SER A 30 -19.89 -3.60 32.02
CA SER A 30 -20.28 -2.20 32.18
C SER A 30 -19.02 -1.37 32.34
N THR A 31 -18.88 -0.37 31.49
CA THR A 31 -17.60 0.32 31.30
C THR A 31 -17.79 1.82 31.44
N ALA A 32 -16.86 2.47 32.14
CA ALA A 32 -16.68 3.93 32.12
C ALA A 32 -15.27 4.24 31.67
N ILE A 33 -15.07 5.44 31.14
CA ILE A 33 -13.75 5.87 30.66
C ILE A 33 -13.55 7.29 31.13
N VAL A 34 -12.41 7.55 31.78
CA VAL A 34 -12.14 8.82 32.48
C VAL A 34 -11.08 9.56 31.69
N GLU A 35 -11.38 10.77 31.33
CA GLU A 35 -10.41 11.52 30.52
C GLU A 35 -10.66 13.02 30.73
N PRO A 36 -9.63 13.81 31.05
CA PRO A 36 -9.83 15.27 31.27
C PRO A 36 -9.69 16.17 30.05
N LYS A 37 -8.99 15.71 29.00
CA LYS A 37 -8.53 16.68 28.02
C LYS A 37 -8.64 16.20 26.57
N TYR A 38 -8.07 15.04 26.29
CA TYR A 38 -7.90 14.58 24.90
C TYR A 38 -8.69 13.30 24.70
N TRP A 39 -9.87 13.42 24.12
CA TRP A 39 -10.58 12.25 23.65
C TRP A 39 -9.91 11.80 22.36
N GLY A 40 -9.44 10.55 22.32
CA GLY A 40 -8.49 10.14 21.28
C GLY A 40 -7.04 10.34 21.63
N GLY A 41 -6.75 10.89 22.81
CA GLY A 41 -5.42 11.00 23.39
C GLY A 41 -4.53 11.86 22.54
N VAL A 42 -3.24 11.61 22.71
CA VAL A 42 -2.21 12.30 21.95
C VAL A 42 -2.37 12.03 20.47
N CYS A 43 -2.53 10.76 20.09
CA CYS A 43 -2.61 10.35 18.69
C CYS A 43 -3.62 11.17 17.88
N LEU A 44 -4.88 11.25 18.33
CA LEU A 44 -5.88 11.87 17.46
C LEU A 44 -5.81 13.39 17.56
N ASN A 45 -5.32 13.91 18.67
CA ASN A 45 -5.39 15.36 18.87
C ASN A 45 -4.12 16.08 18.45
N VAL A 46 -2.93 15.55 18.77
CA VAL A 46 -1.68 16.27 18.59
C VAL A 46 -0.60 15.33 18.09
N GLY A 47 -0.98 14.16 17.60
CA GLY A 47 -0.01 13.15 17.25
C GLY A 47 -0.24 12.56 15.86
N CYS A 48 -0.48 11.24 15.76
CA CYS A 48 -0.54 10.55 14.48
C CYS A 48 -1.45 11.26 13.48
N ILE A 49 -2.65 11.65 13.89
CA ILE A 49 -3.65 12.09 12.90
C ILE A 49 -3.22 13.42 12.29
N PRO A 50 -2.97 14.48 13.08
CA PRO A 50 -2.59 15.74 12.42
C PRO A 50 -1.23 15.68 11.76
N SER A 51 -0.28 14.91 12.32
CA SER A 51 1.04 14.84 11.71
CA SER A 51 1.05 14.80 11.72
C SER A 51 0.99 14.19 10.33
N LYS A 52 0.14 13.14 10.12
CA LYS A 52 0.10 12.58 8.77
C LYS A 52 -0.57 13.52 7.77
N ALA A 53 -1.50 14.38 8.21
CA ALA A 53 -2.03 15.43 7.35
C ALA A 53 -0.94 16.44 6.96
N LEU A 54 -0.13 16.89 7.92
CA LEU A 54 0.94 17.82 7.56
C LEU A 54 1.94 17.16 6.64
N LEU A 55 2.24 15.87 6.90
CA LEU A 55 3.20 15.16 6.05
C LEU A 55 2.72 15.05 4.62
N ARG A 56 1.42 14.85 4.42
CA ARG A 56 0.90 14.86 3.05
C ARG A 56 1.06 16.23 2.39
N ASN A 57 0.74 17.32 3.11
CA ASN A 57 0.95 18.65 2.55
C ASN A 57 2.40 18.85 2.15
N ALA A 58 3.33 18.49 3.05
CA ALA A 58 4.76 18.63 2.76
C ALA A 58 5.17 17.81 1.56
N GLU A 59 4.67 16.57 1.47
CA GLU A 59 5.01 15.75 0.28
C GLU A 59 4.55 16.41 -1.05
N LEU A 60 3.39 17.04 -1.06
CA LEU A 60 2.95 17.76 -2.28
C LEU A 60 3.83 18.97 -2.59
N VAL A 61 4.36 19.64 -1.54
CA VAL A 61 5.33 20.70 -1.79
C VAL A 61 6.57 20.12 -2.47
N HIS A 62 7.04 19.00 -1.94
CA HIS A 62 8.25 18.36 -2.43
C HIS A 62 8.08 17.98 -3.89
N ILE A 63 6.91 17.44 -4.22
CA ILE A 63 6.65 16.99 -5.59
C ILE A 63 6.69 18.17 -6.55
N PHE A 64 5.94 19.23 -6.24
CA PHE A 64 6.05 20.36 -7.14
C PHE A 64 7.49 20.89 -7.15
N THR A 65 8.06 21.17 -5.99
CA THR A 65 9.36 21.84 -5.91
C THR A 65 10.46 21.09 -6.67
N LYS A 66 10.62 19.81 -6.41
CA LYS A 66 11.70 19.06 -7.04
C LYS A 66 11.30 18.37 -8.34
N ASP A 67 10.04 17.97 -8.50
CA ASP A 67 9.67 17.15 -9.65
C ASP A 67 8.76 17.85 -10.64
N ALA A 68 8.44 19.13 -10.43
CA ALA A 68 7.51 19.81 -11.33
C ALA A 68 7.95 19.69 -12.78
N LYS A 69 9.21 19.98 -13.04
CA LYS A 69 9.71 19.98 -14.42
C LYS A 69 9.60 18.60 -15.06
N ALA A 70 10.01 17.56 -14.33
CA ALA A 70 10.00 16.24 -14.91
C ALA A 70 8.57 15.75 -15.16
N PHE A 71 7.58 16.26 -14.42
CA PHE A 71 6.18 15.91 -14.68
C PHE A 71 5.50 16.84 -15.69
N GLY A 72 6.24 17.76 -16.31
CA GLY A 72 5.64 18.71 -17.25
C GLY A 72 4.74 19.76 -16.64
N ILE A 73 4.98 20.10 -15.38
CA ILE A 73 4.19 21.06 -14.63
C ILE A 73 4.92 22.40 -14.63
N SER A 74 4.25 23.45 -15.10
CA SER A 74 4.87 24.77 -15.14
C SER A 74 4.05 25.74 -14.30
N GLY A 75 4.73 26.72 -13.73
CA GLY A 75 4.06 27.86 -13.14
C GLY A 75 4.72 28.23 -11.85
N GLU A 76 4.56 29.50 -11.47
CA GLU A 76 5.07 30.01 -10.21
C GLU A 76 4.03 29.74 -9.13
N VAL A 77 4.35 28.83 -8.24
CA VAL A 77 3.40 28.39 -7.22
C VAL A 77 3.96 28.74 -5.86
N THR A 78 3.07 29.13 -4.93
CA THR A 78 3.40 29.32 -3.53
C THR A 78 2.61 28.34 -2.66
N PHE A 79 3.13 28.05 -1.47
CA PHE A 79 2.48 27.13 -0.54
C PHE A 79 2.36 27.84 0.79
N ASP A 80 1.20 27.73 1.39
CA ASP A 80 0.90 28.43 2.63
C ASP A 80 0.79 27.38 3.73
N TYR A 81 1.76 27.37 4.63
CA TYR A 81 1.74 26.44 5.75
C TYR A 81 0.53 26.65 6.62
N GLY A 82 0.04 27.90 6.73
CA GLY A 82 -1.17 28.16 7.51
C GLY A 82 -2.33 27.30 7.09
N ILE A 83 -2.46 27.04 5.79
CA ILE A 83 -3.56 26.23 5.30
C ILE A 83 -3.31 24.73 5.58
N ALA A 84 -2.07 24.26 5.45
CA ALA A 84 -1.72 22.93 5.98
C ALA A 84 -2.11 22.80 7.44
N TYR A 85 -1.69 23.78 8.25
CA TYR A 85 -2.07 23.76 9.67
C TYR A 85 -3.57 23.67 9.81
N ASP A 86 -4.31 24.55 9.12
CA ASP A 86 -5.77 24.54 9.33
C ASP A 86 -6.37 23.19 9.00
N ARG A 87 -5.92 22.58 7.90
CA ARG A 87 -6.48 21.29 7.51
C ARG A 87 -6.12 20.21 8.53
N SER A 88 -4.87 20.23 9.04
CA SER A 88 -4.53 19.25 10.07
C SER A 88 -5.47 19.38 11.29
N ARG A 89 -5.90 20.61 11.66
CA ARG A 89 -6.78 20.71 12.83
C ARG A 89 -8.17 20.19 12.51
N LYS A 90 -8.67 20.45 11.29
CA LYS A 90 -9.99 20.00 10.91
C LYS A 90 -10.04 18.48 10.85
N VAL A 91 -8.96 17.88 10.34
CA VAL A 91 -8.86 16.41 10.35
C VAL A 91 -8.90 15.88 11.77
N ALA A 92 -8.12 16.49 12.68
CA ALA A 92 -8.07 16.03 14.07
C ALA A 92 -9.44 16.14 14.72
N GLU A 93 -10.12 17.30 14.52
CA GLU A 93 -11.40 17.50 15.19
C GLU A 93 -12.44 16.52 14.71
N GLY A 94 -12.43 16.16 13.43
CA GLY A 94 -13.37 15.16 12.96
C GLY A 94 -13.15 13.80 13.59
N ARG A 95 -11.88 13.41 13.75
CA ARG A 95 -11.59 12.11 14.34
C ARG A 95 -11.96 12.08 15.80
N VAL A 96 -11.77 13.19 16.54
CA VAL A 96 -12.21 13.22 17.93
C VAL A 96 -13.73 13.09 18.03
N ALA A 97 -14.46 13.72 17.11
CA ALA A 97 -15.91 13.59 17.17
C ALA A 97 -16.30 12.14 16.93
N GLY A 98 -15.53 11.46 16.07
CA GLY A 98 -15.67 10.02 15.89
C GLY A 98 -15.56 9.21 17.18
N VAL A 99 -14.52 9.49 18.02
CA VAL A 99 -14.39 8.75 19.27
C VAL A 99 -15.66 8.90 20.11
N HIS A 100 -16.15 10.13 20.22
CA HIS A 100 -17.34 10.33 21.03
C HIS A 100 -18.51 9.54 20.47
N PHE A 101 -18.65 9.49 19.15
CA PHE A 101 -19.72 8.67 18.57
C PHE A 101 -19.53 7.23 18.95
N LEU A 102 -18.29 6.71 18.85
CA LEU A 102 -18.06 5.33 19.20
C LEU A 102 -18.40 5.09 20.68
N MET A 103 -18.12 6.05 21.56
CA MET A 103 -18.42 5.73 22.96
C MET A 103 -19.91 5.66 23.18
N LYS A 104 -20.68 6.49 22.48
CA LYS A 104 -22.10 6.48 22.74
C LYS A 104 -22.76 5.28 22.06
N LYS A 105 -22.32 4.92 20.85
CA LYS A 105 -22.79 3.72 20.17
C LYS A 105 -22.61 2.46 21.04
N ASN A 106 -21.55 2.40 21.81
CA ASN A 106 -21.24 1.22 22.61
C ASN A 106 -21.71 1.36 24.05
N LYS A 107 -22.45 2.42 24.37
CA LYS A 107 -23.08 2.63 25.70
C LYS A 107 -22.03 2.70 26.80
N ILE A 108 -20.91 3.36 26.48
CA ILE A 108 -19.79 3.56 27.41
C ILE A 108 -19.99 4.90 28.13
N THR A 109 -19.83 4.91 29.46
CA THR A 109 -20.00 6.17 30.20
C THR A 109 -18.72 7.00 30.13
N GLU A 110 -18.81 8.20 29.55
CA GLU A 110 -17.70 9.15 29.63
C GLU A 110 -17.71 9.89 30.96
N ILE A 111 -16.55 9.97 31.61
CA ILE A 111 -16.39 10.78 32.83
C ILE A 111 -15.32 11.81 32.50
N HIS A 112 -15.68 13.09 32.58
CA HIS A 112 -14.85 14.19 32.09
C HIS A 112 -14.06 14.76 33.26
N GLY A 113 -12.89 14.19 33.51
CA GLY A 113 -12.07 14.66 34.61
C GLY A 113 -10.81 13.83 34.69
N TYR A 114 -10.08 14.05 35.77
CA TYR A 114 -8.77 13.43 36.00
C TYR A 114 -8.90 12.43 37.16
N GLY A 115 -8.49 11.19 36.94
CA GLY A 115 -8.71 10.14 37.94
C GLY A 115 -7.50 9.86 38.80
N THR A 116 -7.73 9.66 40.12
CA THR A 116 -6.66 9.30 41.06
C THR A 116 -7.09 8.07 41.88
N PHE A 117 -6.24 7.07 41.96
CA PHE A 117 -6.59 5.88 42.72
C PHE A 117 -6.64 6.21 44.21
N ALA A 118 -7.73 5.83 44.88
CA ALA A 118 -7.88 5.93 46.33
C ALA A 118 -7.43 4.64 47.01
N ASP A 119 -7.72 3.51 46.37
CA ASP A 119 -7.20 2.20 46.74
C ASP A 119 -7.30 1.32 45.50
N ALA A 120 -7.18 0.00 45.67
CA ALA A 120 -7.11 -0.86 44.47
C ALA A 120 -8.44 -1.04 43.80
N ASN A 121 -9.52 -0.43 44.30
CA ASN A 121 -10.83 -0.60 43.70
C ASN A 121 -11.62 0.69 43.69
N THR A 122 -11.01 1.82 44.01
CA THR A 122 -11.72 3.08 44.04
C THR A 122 -10.89 4.11 43.31
N LEU A 123 -11.57 4.90 42.51
CA LEU A 123 -11.01 6.00 41.77
C LEU A 123 -11.73 7.28 42.17
N LEU A 124 -10.97 8.29 42.55
CA LEU A 124 -11.48 9.64 42.82
C LEU A 124 -11.32 10.48 41.56
N VAL A 125 -12.40 11.04 41.06
CA VAL A 125 -12.34 11.84 39.83
C VAL A 125 -12.54 13.31 40.17
N ASP A 126 -11.52 14.11 39.88
CA ASP A 126 -11.66 15.55 39.88
C ASP A 126 -12.29 15.95 38.55
N LEU A 127 -13.56 16.37 38.61
CA LEU A 127 -14.34 16.66 37.43
C LEU A 127 -13.94 18.00 36.82
N ASN A 128 -13.99 18.04 35.47
CA ASN A 128 -13.70 19.29 34.76
C ASN A 128 -14.65 20.40 35.17
N ASP A 129 -15.90 20.07 35.41
CA ASP A 129 -16.94 21.04 35.76
C ASP A 129 -16.95 21.37 37.24
N GLY A 130 -15.81 21.22 37.91
CA GLY A 130 -15.72 21.35 39.36
C GLY A 130 -16.37 20.18 40.06
N GLY A 131 -15.89 19.86 41.24
CA GLY A 131 -16.45 18.77 42.01
C GLY A 131 -15.65 17.49 41.87
N THR A 132 -15.97 16.55 42.75
CA THR A 132 -15.30 15.25 42.83
C THR A 132 -16.32 14.13 42.89
N GLU A 133 -16.11 13.11 42.08
CA GLU A 133 -16.93 11.91 42.08
C GLU A 133 -16.06 10.72 42.44
N SER A 134 -16.63 9.76 43.14
CA SER A 134 -15.97 8.50 43.46
C SER A 134 -16.58 7.38 42.64
N VAL A 135 -15.71 6.64 41.95
CA VAL A 135 -16.07 5.47 41.17
C VAL A 135 -15.39 4.24 41.79
N THR A 136 -16.12 3.15 41.87
CA THR A 136 -15.55 1.88 42.26
C THR A 136 -15.61 0.94 41.06
N PHE A 137 -14.72 -0.05 41.05
CA PHE A 137 -14.61 -0.92 39.88
C PHE A 137 -14.21 -2.32 40.33
N ASP A 138 -14.56 -3.32 39.53
CA ASP A 138 -13.94 -4.63 39.70
C ASP A 138 -12.62 -4.78 38.93
N ASN A 139 -12.48 -4.09 37.80
CA ASN A 139 -11.26 -4.12 37.01
C ASN A 139 -10.90 -2.70 36.57
N ALA A 140 -9.60 -2.39 36.47
CA ALA A 140 -9.21 -1.11 35.91
C ALA A 140 -8.17 -1.30 34.83
N ILE A 141 -8.26 -0.47 33.78
CA ILE A 141 -7.33 -0.46 32.65
C ILE A 141 -6.67 0.90 32.68
N ILE A 142 -5.40 0.93 33.05
CA ILE A 142 -4.65 2.19 33.10
C ILE A 142 -4.11 2.43 31.70
N ALA A 143 -4.47 3.56 31.11
CA ALA A 143 -4.10 3.84 29.70
C ALA A 143 -3.74 5.33 29.58
N THR A 144 -2.80 5.75 30.44
CA THR A 144 -2.55 7.16 30.74
C THR A 144 -1.45 7.76 29.87
N GLY A 145 -0.84 6.97 29.01
CA GLY A 145 0.04 7.52 27.98
C GLY A 145 1.42 7.85 28.53
N SER A 146 2.16 8.66 27.76
CA SER A 146 3.50 9.14 28.09
CA SER A 146 3.50 9.14 28.11
C SER A 146 3.58 10.64 27.87
N SER A 147 4.69 11.24 28.32
CA SER A 147 5.01 12.64 28.11
C SER A 147 6.42 12.76 27.53
N THR A 148 6.69 13.90 26.86
CA THR A 148 8.01 14.13 26.28
C THR A 148 9.08 14.11 27.38
N ARG A 149 10.15 13.35 27.12
CA ARG A 149 11.39 13.46 27.90
C ARG A 149 12.27 14.61 27.40
N LEU A 150 12.67 15.49 28.32
CA LEU A 150 13.53 16.61 27.93
C LEU A 150 14.99 16.22 28.08
N VAL A 151 15.83 16.86 27.30
CA VAL A 151 17.28 16.76 27.53
C VAL A 151 17.57 17.16 28.97
N PRO A 152 18.27 16.33 29.76
CA PRO A 152 18.42 16.63 31.20
C PRO A 152 18.98 18.03 31.44
N GLY A 153 18.37 18.75 32.37
CA GLY A 153 18.82 20.09 32.71
C GLY A 153 18.20 21.20 31.87
N THR A 154 17.52 20.86 30.77
CA THR A 154 16.89 21.86 29.93
C THR A 154 15.44 22.07 30.35
N SER A 155 14.83 23.12 29.80
CA SER A 155 13.43 23.40 30.09
C SER A 155 12.74 23.94 28.84
N LEU A 156 11.42 23.92 28.89
CA LEU A 156 10.59 24.49 27.83
C LEU A 156 10.54 25.99 28.00
N SER A 157 10.40 26.68 26.88
CA SER A 157 10.24 28.13 26.88
C SER A 157 9.60 28.52 25.56
N ALA A 158 9.59 29.83 25.26
CA ALA A 158 8.88 30.29 24.08
C ALA A 158 9.49 29.71 22.79
N ASN A 159 10.80 29.45 22.79
CA ASN A 159 11.51 28.94 21.64
C ASN A 159 12.05 27.53 21.83
N VAL A 160 11.64 26.82 22.86
CA VAL A 160 12.14 25.47 23.10
C VAL A 160 10.88 24.68 23.40
N VAL A 161 10.47 23.81 22.46
CA VAL A 161 9.13 23.24 22.50
C VAL A 161 9.21 21.71 22.36
N THR A 162 8.11 21.04 22.73
CA THR A 162 7.86 19.64 22.40
C THR A 162 7.00 19.57 21.14
N TYR A 163 6.72 18.35 20.68
CA TYR A 163 5.85 18.17 19.53
C TYR A 163 4.53 18.91 19.69
N GLU A 164 4.05 19.04 20.94
CA GLU A 164 2.71 19.54 21.16
C GLU A 164 2.61 21.00 20.80
N GLU A 165 3.51 21.82 21.35
CA GLU A 165 3.49 23.22 20.97
CA GLU A 165 3.53 23.22 20.98
C GLU A 165 3.83 23.39 19.51
N GLN A 166 4.75 22.55 18.97
CA GLN A 166 5.16 22.72 17.57
C GLN A 166 4.03 22.36 16.60
N ILE A 167 3.33 21.25 16.85
CA ILE A 167 2.29 20.82 15.93
C ILE A 167 1.07 21.75 16.01
N LEU A 168 0.90 22.44 17.12
CA LEU A 168 -0.16 23.44 17.26
C LEU A 168 0.26 24.82 16.79
N SER A 169 1.46 24.95 16.22
CA SER A 169 1.90 26.27 15.70
C SER A 169 1.43 26.48 14.28
N ARG A 170 0.74 27.62 14.03
CA ARG A 170 0.33 27.91 12.66
C ARG A 170 1.39 28.63 11.86
N GLU A 171 2.39 29.21 12.55
CA GLU A 171 3.52 29.91 11.94
C GLU A 171 4.78 29.13 12.21
N LEU A 172 5.70 29.15 11.24
CA LEU A 172 6.96 28.42 11.26
C LEU A 172 8.15 29.36 11.54
N PRO A 173 9.19 28.87 12.21
CA PRO A 173 10.43 29.66 12.38
C PRO A 173 11.29 29.66 11.11
N LYS A 174 12.27 30.55 11.08
CA LYS A 174 13.22 30.55 9.98
C LYS A 174 14.19 29.38 10.08
N SER A 175 14.50 28.94 11.29
CA SER A 175 15.44 27.84 11.48
C SER A 175 15.06 27.12 12.75
N ILE A 176 15.45 25.83 12.84
CA ILE A 176 15.12 24.99 13.98
C ILE A 176 16.20 23.93 14.16
N ILE A 177 16.49 23.60 15.41
CA ILE A 177 17.32 22.46 15.75
C ILE A 177 16.40 21.43 16.39
N ILE A 178 16.42 20.21 15.88
CA ILE A 178 15.62 19.11 16.40
C ILE A 178 16.54 18.18 17.18
N ALA A 179 16.23 17.96 18.46
CA ALA A 179 16.99 16.99 19.26
C ALA A 179 16.31 15.65 19.12
N GLY A 180 16.97 14.71 18.46
CA GLY A 180 16.52 13.32 18.38
C GLY A 180 16.13 13.00 16.93
N ALA A 181 16.69 11.98 16.35
CA ALA A 181 16.34 11.54 15.00
C ALA A 181 15.53 10.26 15.05
N GLY A 182 14.54 10.20 15.95
CA GLY A 182 13.54 9.15 15.90
C GLY A 182 12.49 9.47 14.86
N ALA A 183 11.41 8.67 14.84
CA ALA A 183 10.38 8.94 13.81
C ALA A 183 9.83 10.36 13.99
N ILE A 184 9.66 10.82 15.21
CA ILE A 184 8.99 12.11 15.37
C ILE A 184 9.92 13.23 14.90
N GLY A 185 11.18 13.15 15.29
CA GLY A 185 12.10 14.18 14.88
C GLY A 185 12.30 14.21 13.39
N MET A 186 12.34 13.03 12.76
CA MET A 186 12.53 12.97 11.31
C MET A 186 11.29 13.50 10.59
N GLU A 187 10.09 13.19 11.08
CA GLU A 187 8.86 13.65 10.43
C GLU A 187 8.74 15.17 10.50
N PHE A 188 8.96 15.75 11.68
CA PHE A 188 8.90 17.21 11.74
C PHE A 188 9.99 17.81 10.86
N GLY A 189 11.17 17.18 10.82
CA GLY A 189 12.23 17.72 9.98
C GLY A 189 11.79 17.72 8.52
N TYR A 190 11.15 16.62 8.09
CA TYR A 190 10.64 16.55 6.71
C TYR A 190 9.59 17.65 6.45
N VAL A 191 8.61 17.83 7.34
CA VAL A 191 7.60 18.86 7.10
C VAL A 191 8.24 20.23 7.04
N LEU A 192 9.06 20.57 8.06
CA LEU A 192 9.56 21.93 8.18
CA LEU A 192 9.53 21.94 8.16
C LEU A 192 10.50 22.27 7.02
N LYS A 193 11.34 21.32 6.62
CA LYS A 193 12.30 21.62 5.54
C LYS A 193 11.56 21.88 4.24
N ASN A 194 10.53 21.09 3.97
CA ASN A 194 9.76 21.31 2.74
C ASN A 194 9.03 22.64 2.77
N TYR A 195 8.67 23.17 3.95
CA TYR A 195 8.08 24.50 4.02
C TYR A 195 9.13 25.59 4.19
N GLY A 196 10.39 25.28 3.92
CA GLY A 196 11.42 26.27 3.78
C GLY A 196 12.20 26.60 5.06
N VAL A 197 12.00 25.85 6.13
CA VAL A 197 12.75 26.09 7.38
C VAL A 197 14.14 25.49 7.25
N ASP A 198 15.18 26.17 7.77
CA ASP A 198 16.49 25.53 7.87
C ASP A 198 16.44 24.56 9.03
N VAL A 199 16.77 23.28 8.79
CA VAL A 199 16.57 22.22 9.77
C VAL A 199 17.89 21.53 10.03
N THR A 200 18.25 21.42 11.31
CA THR A 200 19.36 20.55 11.77
C THR A 200 18.75 19.57 12.76
N ILE A 201 19.08 18.30 12.61
CA ILE A 201 18.66 17.25 13.54
C ILE A 201 19.90 16.68 14.21
N VAL A 202 19.86 16.56 15.54
CA VAL A 202 21.03 16.09 16.32
C VAL A 202 20.65 14.79 16.96
N GLU A 203 21.44 13.74 16.74
CA GLU A 203 21.14 12.40 17.22
C GLU A 203 22.34 11.87 17.99
N PHE A 204 22.09 11.37 19.20
CA PHE A 204 23.16 10.84 20.05
C PHE A 204 23.75 9.55 19.48
N LEU A 205 22.91 8.67 18.95
CA LEU A 205 23.39 7.39 18.45
C LEU A 205 24.00 7.58 17.07
N PRO A 206 24.75 6.60 16.56
CA PRO A 206 25.54 6.87 15.35
C PRO A 206 24.72 6.86 14.04
N ARG A 207 23.41 6.69 14.08
CA ARG A 207 22.65 6.81 12.84
C ARG A 207 21.25 7.36 13.12
N ALA A 208 20.66 7.93 12.07
CA ALA A 208 19.27 8.36 12.15
C ALA A 208 18.35 7.13 12.12
N LEU A 209 17.16 7.27 12.72
CA LEU A 209 16.24 6.14 12.91
C LEU A 209 17.05 4.95 13.44
N PRO A 210 17.72 5.11 14.58
CA PRO A 210 18.65 4.06 15.03
C PRO A 210 18.02 2.74 15.40
N ASN A 211 16.72 2.67 15.67
CA ASN A 211 16.09 1.36 15.86
C ASN A 211 15.95 0.59 14.55
N GLU A 212 16.16 1.22 13.40
CA GLU A 212 15.93 0.50 12.17
C GLU A 212 17.16 -0.32 11.82
N ASP A 213 16.99 -1.16 10.80
CA ASP A 213 18.14 -1.85 10.19
C ASP A 213 19.11 -0.80 9.65
N ALA A 214 20.41 -1.07 9.81
CA ALA A 214 21.40 -0.04 9.43
C ALA A 214 21.29 0.34 7.95
N ASP A 215 20.92 -0.61 7.07
CA ASP A 215 20.78 -0.30 5.64
C ASP A 215 19.65 0.70 5.43
N VAL A 216 18.56 0.60 6.21
CA VAL A 216 17.47 1.58 6.15
C VAL A 216 17.93 2.94 6.65
N SER A 217 18.70 2.98 7.75
CA SER A 217 19.17 4.27 8.24
C SER A 217 20.06 4.94 7.21
N LYS A 218 20.92 4.16 6.56
CA LYS A 218 21.82 4.76 5.59
C LYS A 218 21.02 5.37 4.45
N GLU A 219 19.99 4.65 3.98
CA GLU A 219 19.19 5.18 2.90
C GLU A 219 18.42 6.43 3.33
N ILE A 220 17.80 6.43 4.52
CA ILE A 220 17.03 7.63 4.88
C ILE A 220 17.98 8.82 5.10
N GLU A 221 19.18 8.57 5.66
CA GLU A 221 20.11 9.67 5.85
C GLU A 221 20.48 10.26 4.50
N LYS A 222 20.64 9.39 3.49
CA LYS A 222 20.95 9.88 2.16
C LYS A 222 19.84 10.78 1.61
N GLN A 223 18.58 10.35 1.74
CA GLN A 223 17.47 11.13 1.18
C GLN A 223 17.33 12.45 1.90
N PHE A 224 17.56 12.44 3.23
CA PHE A 224 17.38 13.68 3.99
C PHE A 224 18.48 14.66 3.65
N LYS A 225 19.68 14.14 3.40
CA LYS A 225 20.77 15.02 2.97
C LYS A 225 20.46 15.63 1.61
N LYS A 226 19.85 14.86 0.71
CA LYS A 226 19.42 15.40 -0.57
C LYS A 226 18.29 16.43 -0.43
N LEU A 227 17.38 16.22 0.54
CA LEU A 227 16.39 17.23 0.83
C LEU A 227 17.01 18.53 1.38
N GLY A 228 18.24 18.51 1.90
CA GLY A 228 18.84 19.67 2.55
C GLY A 228 18.75 19.74 4.05
N VAL A 229 18.37 18.66 4.71
CA VAL A 229 18.32 18.61 6.18
C VAL A 229 19.71 18.20 6.63
N THR A 230 20.30 18.95 7.55
CA THR A 230 21.55 18.56 8.21
C THR A 230 21.28 17.61 9.36
N ILE A 231 21.77 16.38 9.26
CA ILE A 231 21.66 15.43 10.39
C ILE A 231 23.05 15.27 11.01
N LEU A 232 23.17 15.53 12.30
CA LEU A 232 24.44 15.31 13.02
C LEU A 232 24.24 14.08 13.88
N THR A 233 24.87 12.95 13.53
CA THR A 233 24.79 11.72 14.29
C THR A 233 26.00 11.58 15.23
N ALA A 234 25.92 10.59 16.13
CA ALA A 234 26.89 10.43 17.24
C ALA A 234 27.24 11.78 17.90
N THR A 235 26.21 12.60 18.15
CA THR A 235 26.40 13.96 18.65
C THR A 235 25.45 14.15 19.84
N LYS A 236 25.99 14.59 20.98
CA LYS A 236 25.20 14.69 22.20
C LYS A 236 24.80 16.14 22.46
N VAL A 237 23.51 16.38 22.72
CA VAL A 237 23.07 17.71 23.13
C VAL A 237 23.41 17.82 24.62
N GLU A 238 24.17 18.84 24.98
CA GLU A 238 24.45 19.03 26.39
C GLU A 238 23.73 20.18 27.04
N SER A 239 23.43 21.26 26.31
CA SER A 239 22.71 22.36 26.89
C SER A 239 21.90 23.07 25.82
N ILE A 240 20.80 23.66 26.25
CA ILE A 240 19.88 24.43 25.42
C ILE A 240 19.60 25.73 26.14
N ALA A 241 20.05 26.86 25.57
CA ALA A 241 19.88 28.18 26.18
C ALA A 241 19.05 29.08 25.28
N ASP A 242 17.83 29.41 25.73
CA ASP A 242 16.91 30.28 24.99
C ASP A 242 17.26 31.73 25.30
N GLY A 243 17.88 32.43 24.35
CA GLY A 243 18.18 33.83 24.45
C GLY A 243 17.12 34.77 23.94
N GLY A 244 15.92 34.27 23.65
CA GLY A 244 14.80 35.11 23.23
C GLY A 244 14.85 35.28 21.72
N SER A 245 15.93 35.89 21.23
CA SER A 245 16.03 36.13 19.80
C SER A 245 16.68 34.97 19.08
N GLN A 246 17.16 33.99 19.83
CA GLN A 246 17.93 32.89 19.28
C GLN A 246 18.05 31.87 20.40
N VAL A 247 18.23 30.62 20.03
CA VAL A 247 18.50 29.56 21.00
C VAL A 247 19.87 29.02 20.68
N THR A 248 20.71 28.83 21.70
CA THR A 248 22.02 28.24 21.49
C THR A 248 22.01 26.82 22.02
N VAL A 249 22.34 25.85 21.17
CA VAL A 249 22.42 24.46 21.57
C VAL A 249 23.86 24.08 21.54
N THR A 250 24.40 23.65 22.69
CA THR A 250 25.76 23.15 22.74
C THR A 250 25.74 21.63 22.62
N VAL A 251 26.50 21.12 21.64
CA VAL A 251 26.57 19.70 21.35
C VAL A 251 28.02 19.28 21.39
N THR A 252 28.23 18.02 21.62
CA THR A 252 29.59 17.51 21.58
C THR A 252 29.67 16.20 20.83
N LYS A 253 30.80 16.01 20.13
CA LYS A 253 31.14 14.76 19.47
C LYS A 253 32.64 14.54 19.58
N ASP A 254 33.06 13.33 19.97
CA ASP A 254 34.48 13.02 20.13
C ASP A 254 35.18 14.10 20.98
N GLY A 255 34.56 14.45 22.11
CA GLY A 255 35.11 15.44 23.01
C GLY A 255 35.19 16.86 22.52
N VAL A 256 34.88 17.13 21.25
CA VAL A 256 34.87 18.49 20.73
C VAL A 256 33.47 19.09 20.90
N ALA A 257 33.40 20.30 21.47
CA ALA A 257 32.15 21.00 21.68
C ALA A 257 31.90 21.99 20.55
N GLN A 258 30.63 22.18 20.22
CA GLN A 258 30.27 23.14 19.18
C GLN A 258 28.95 23.77 19.58
N GLU A 259 28.77 25.04 19.20
CA GLU A 259 27.54 25.77 19.45
C GLU A 259 26.72 25.86 18.17
N LEU A 260 25.47 25.43 18.24
CA LEU A 260 24.51 25.55 17.15
C LEU A 260 23.49 26.60 17.53
N LYS A 261 23.05 27.42 16.56
CA LYS A 261 22.05 28.44 16.85
C LYS A 261 20.91 28.34 15.87
N ALA A 262 19.70 28.63 16.35
CA ALA A 262 18.49 28.63 15.54
C ALA A 262 17.45 29.44 16.28
N GLU A 263 16.37 29.75 15.57
CA GLU A 263 15.25 30.49 16.15
C GLU A 263 14.51 29.64 17.17
N LYS A 264 14.51 28.31 17.00
CA LYS A 264 13.65 27.44 17.80
C LYS A 264 14.33 26.10 17.94
N VAL A 265 13.97 25.38 18.97
CA VAL A 265 14.50 24.03 19.20
C VAL A 265 13.31 23.15 19.51
N LEU A 266 13.26 21.95 18.92
CA LEU A 266 12.19 20.99 19.19
C LEU A 266 12.84 19.83 19.94
N GLN A 267 12.31 19.49 21.11
CA GLN A 267 12.81 18.37 21.89
C GLN A 267 12.02 17.13 21.52
N ALA A 268 12.70 16.15 20.99
CA ALA A 268 12.02 14.91 20.58
C ALA A 268 12.94 13.73 20.85
N ILE A 269 13.50 13.65 22.07
CA ILE A 269 14.44 12.55 22.34
C ILE A 269 13.78 11.31 22.91
N GLY A 270 12.50 11.35 23.23
CA GLY A 270 11.87 10.16 23.72
C GLY A 270 10.70 10.53 24.58
N PHE A 271 10.05 9.50 25.10
CA PHE A 271 8.82 9.68 25.85
C PHE A 271 8.87 8.80 27.09
N ALA A 272 8.50 9.39 28.23
CA ALA A 272 8.46 8.73 29.53
C ALA A 272 7.02 8.40 29.92
N PRO A 273 6.73 7.15 30.28
CA PRO A 273 5.40 6.79 30.75
C PRO A 273 4.90 7.73 31.86
N ASN A 274 3.61 8.01 31.84
CA ASN A 274 2.97 8.91 32.80
C ASN A 274 2.65 8.09 34.04
N VAL A 275 3.37 8.29 35.14
CA VAL A 275 3.24 7.39 36.30
C VAL A 275 3.10 8.20 37.60
N GLU A 276 3.35 9.51 37.56
CA GLU A 276 3.24 10.32 38.79
C GLU A 276 1.90 11.03 38.92
N GLY A 277 1.44 11.14 40.16
CA GLY A 277 0.39 12.10 40.46
C GLY A 277 -1.03 11.60 40.34
N TYR A 278 -1.23 10.28 40.21
CA TYR A 278 -2.62 9.79 40.20
C TYR A 278 -2.78 8.53 41.02
N GLY A 279 -1.97 8.39 42.08
CA GLY A 279 -2.21 7.39 43.10
C GLY A 279 -1.89 5.95 42.77
N LEU A 280 -0.96 5.72 41.84
CA LEU A 280 -0.50 4.35 41.62
C LEU A 280 -0.05 3.68 42.92
N ASP A 281 0.60 4.43 43.79
CA ASP A 281 1.03 3.86 45.07
C ASP A 281 -0.16 3.42 45.93
N LYS A 282 -1.26 4.15 45.89
CA LYS A 282 -2.44 3.80 46.66
C LYS A 282 -3.11 2.55 46.12
N ALA A 283 -3.07 2.35 44.79
CA ALA A 283 -3.57 1.11 44.22
C ALA A 283 -2.60 -0.05 44.41
N GLY A 284 -1.34 0.23 44.72
CA GLY A 284 -0.33 -0.83 44.87
C GLY A 284 0.39 -1.29 43.61
N VAL A 285 0.33 -0.52 42.53
CA VAL A 285 0.82 -0.95 41.23
C VAL A 285 2.29 -0.63 41.12
N ALA A 286 3.08 -1.62 40.72
CA ALA A 286 4.54 -1.56 40.68
C ALA A 286 5.05 -1.03 39.35
N LEU A 287 6.17 -0.32 39.43
CA LEU A 287 6.88 0.18 38.25
C LEU A 287 8.13 -0.66 37.97
N THR A 288 8.55 -0.69 36.70
CA THR A 288 9.80 -1.27 36.28
C THR A 288 10.95 -0.34 36.68
N ASP A 289 12.20 -0.83 36.51
CA ASP A 289 13.37 0.01 36.76
C ASP A 289 13.44 1.23 35.86
N ARG A 290 12.79 1.19 34.68
CA ARG A 290 12.75 2.32 33.76
C ARG A 290 11.52 3.21 33.96
N LYS A 291 10.76 2.99 35.03
CA LYS A 291 9.64 3.83 35.40
C LYS A 291 8.47 3.69 34.43
N ALA A 292 8.31 2.52 33.85
CA ALA A 292 7.07 2.16 33.18
C ALA A 292 6.25 1.32 34.15
N ILE A 293 4.96 1.19 33.87
CA ILE A 293 4.14 0.23 34.64
C ILE A 293 4.47 -1.17 34.16
N GLY A 294 4.79 -2.06 35.10
CA GLY A 294 5.16 -3.43 34.73
C GLY A 294 3.93 -4.26 34.42
N VAL A 295 4.02 -5.09 33.37
CA VAL A 295 2.88 -5.89 32.97
C VAL A 295 3.39 -7.26 32.55
N ASP A 296 2.48 -8.22 32.56
CA ASP A 296 2.77 -9.54 31.98
C ASP A 296 2.19 -9.61 30.56
N ASP A 297 2.13 -10.81 29.98
CA ASP A 297 1.74 -10.97 28.56
C ASP A 297 0.26 -10.66 28.32
N TYR A 298 -0.56 -10.66 29.37
CA TYR A 298 -1.97 -10.30 29.28
C TYR A 298 -2.24 -8.89 29.77
N MET A 299 -1.19 -8.09 29.88
CA MET A 299 -1.22 -6.68 30.25
C MET A 299 -1.60 -6.48 31.73
N ARG A 300 -1.50 -7.52 32.57
CA ARG A 300 -1.84 -7.39 33.99
CA ARG A 300 -1.83 -7.40 33.99
C ARG A 300 -0.68 -6.78 34.75
N THR A 301 -0.97 -5.87 35.67
CA THR A 301 0.06 -5.36 36.57
C THR A 301 0.26 -6.39 37.69
N ASN A 302 1.10 -6.08 38.69
CA ASN A 302 1.21 -6.97 39.86
C ASN A 302 -0.10 -7.07 40.64
N VAL A 303 -1.01 -6.13 40.45
CA VAL A 303 -2.33 -6.18 41.05
C VAL A 303 -3.21 -6.85 40.01
N GLY A 304 -3.69 -8.05 40.31
CA GLY A 304 -4.24 -8.91 39.26
C GLY A 304 -5.42 -8.33 38.49
N HIS A 305 -6.19 -7.43 39.10
CA HIS A 305 -7.37 -6.90 38.42
C HIS A 305 -7.13 -5.50 37.85
N ILE A 306 -5.86 -5.06 37.82
CA ILE A 306 -5.46 -3.77 37.24
C ILE A 306 -4.49 -4.05 36.10
N TYR A 307 -4.82 -3.51 34.93
CA TYR A 307 -4.07 -3.72 33.70
C TYR A 307 -3.42 -2.40 33.30
N ALA A 308 -2.43 -2.47 32.42
CA ALA A 308 -1.84 -1.23 31.94
C ALA A 308 -1.50 -1.40 30.46
N ILE A 309 -1.99 -0.47 29.63
CA ILE A 309 -1.91 -0.67 28.19
C ILE A 309 -1.37 0.60 27.55
N GLY A 310 -0.91 0.45 26.28
CA GLY A 310 -0.39 1.60 25.58
C GLY A 310 0.94 2.10 26.12
N ASP A 311 1.21 3.39 25.85
CA ASP A 311 2.56 3.89 26.08
C ASP A 311 2.99 3.84 27.54
N VAL A 312 2.04 3.87 28.50
CA VAL A 312 2.42 3.81 29.91
C VAL A 312 3.16 2.52 30.30
N ASN A 313 3.05 1.43 29.53
CA ASN A 313 3.89 0.27 29.85
C ASN A 313 5.23 0.26 29.10
N GLY A 314 5.49 1.28 28.27
CA GLY A 314 6.76 1.43 27.58
C GLY A 314 7.18 0.31 26.64
N LEU A 315 6.30 -0.68 26.35
CA LEU A 315 6.76 -1.82 25.54
C LEU A 315 7.06 -1.39 24.10
N LEU A 316 6.12 -0.72 23.43
CA LEU A 316 6.40 -0.23 22.08
C LEU A 316 5.40 0.91 21.88
N GLN A 317 5.88 2.15 21.95
CA GLN A 317 4.98 3.28 22.18
C GLN A 317 4.35 3.75 20.87
N LEU A 318 3.41 2.94 20.37
CA LEU A 318 2.73 3.19 19.10
C LEU A 318 1.24 2.98 19.27
N ALA A 319 0.46 3.62 18.40
CA ALA A 319 -0.99 3.62 18.58
C ALA A 319 -1.60 2.24 18.30
N HIS A 320 -1.18 1.56 17.24
CA HIS A 320 -1.81 0.27 16.96
C HIS A 320 -1.43 -0.73 18.04
N VAL A 321 -0.26 -0.54 18.67
CA VAL A 321 0.14 -1.39 19.81
C VAL A 321 -0.75 -1.12 21.02
N ALA A 322 -1.02 0.17 21.31
CA ALA A 322 -1.93 0.49 22.40
C ALA A 322 -3.30 -0.14 22.16
N GLU A 323 -3.78 -0.10 20.90
CA GLU A 323 -5.11 -0.67 20.63
C GLU A 323 -5.12 -2.17 20.83
N ALA A 324 -4.10 -2.83 20.29
CA ALA A 324 -3.96 -4.28 20.40
C ALA A 324 -3.90 -4.69 21.88
N GLN A 325 -3.15 -3.94 22.69
CA GLN A 325 -3.01 -4.29 24.10
C GLN A 325 -4.31 -4.07 24.84
N GLY A 326 -5.05 -3.04 24.43
CA GLY A 326 -6.39 -2.81 24.96
C GLY A 326 -7.34 -3.96 24.68
N VAL A 327 -7.26 -4.54 23.49
CA VAL A 327 -8.13 -5.67 23.18
C VAL A 327 -7.78 -6.86 24.08
N VAL A 328 -6.48 -7.15 24.23
CA VAL A 328 -6.02 -8.26 25.09
C VAL A 328 -6.48 -8.06 26.53
N ALA A 329 -6.36 -6.84 27.04
CA ALA A 329 -6.75 -6.59 28.44
C ALA A 329 -8.25 -6.82 28.62
N ALA A 330 -9.06 -6.28 27.71
CA ALA A 330 -10.52 -6.42 27.78
C ALA A 330 -10.91 -7.89 27.64
N GLU A 331 -10.30 -8.62 26.70
CA GLU A 331 -10.68 -10.03 26.55
C GLU A 331 -10.26 -10.82 27.78
N THR A 332 -9.09 -10.51 28.37
CA THR A 332 -8.62 -11.21 29.57
C THR A 332 -9.56 -10.96 30.74
N ILE A 333 -9.96 -9.70 30.95
CA ILE A 333 -10.92 -9.38 32.00
C ILE A 333 -12.20 -10.22 31.84
N ALA A 334 -12.72 -10.29 30.61
CA ALA A 334 -13.99 -10.99 30.37
C ALA A 334 -13.85 -12.50 30.30
N GLY A 335 -12.63 -13.02 30.30
CA GLY A 335 -12.49 -14.44 30.08
C GLY A 335 -12.76 -14.90 28.66
N ALA A 336 -12.81 -13.99 27.69
CA ALA A 336 -12.94 -14.35 26.29
C ALA A 336 -11.62 -14.91 25.79
N GLU A 337 -11.71 -15.65 24.69
CA GLU A 337 -10.53 -16.16 24.01
C GLU A 337 -9.66 -15.00 23.53
N THR A 338 -8.36 -15.11 23.76
CA THR A 338 -7.50 -13.99 23.40
C THR A 338 -6.22 -14.57 22.82
N LEU A 339 -5.34 -13.68 22.36
CA LEU A 339 -4.03 -14.06 21.87
C LEU A 339 -3.05 -12.98 22.29
N THR A 340 -2.05 -13.35 23.08
CA THR A 340 -1.04 -12.38 23.49
C THR A 340 -0.22 -11.94 22.28
N LEU A 341 0.42 -10.78 22.44
CA LEU A 341 1.20 -10.24 21.35
C LEU A 341 2.60 -10.86 21.31
N GLY A 342 3.04 -11.51 22.38
CA GLY A 342 4.37 -12.10 22.39
C GLY A 342 5.47 -11.05 22.42
N ASP A 343 6.56 -11.35 21.70
CA ASP A 343 7.72 -10.46 21.63
C ASP A 343 7.33 -9.24 20.81
N HIS A 344 7.26 -8.07 21.45
CA HIS A 344 6.79 -6.83 20.81
C HIS A 344 7.71 -6.36 19.70
N ARG A 345 8.96 -6.86 19.65
CA ARG A 345 9.83 -6.52 18.53
C ARG A 345 9.28 -7.02 17.20
N MET A 346 8.37 -8.01 17.21
CA MET A 346 7.80 -8.47 15.94
C MET A 346 6.64 -7.61 15.46
N LEU A 347 6.23 -6.63 16.21
CA LEU A 347 5.09 -5.82 15.77
C LEU A 347 5.54 -4.83 14.70
N PRO A 348 4.63 -4.39 13.83
CA PRO A 348 5.03 -3.49 12.74
C PRO A 348 5.10 -2.04 13.21
N ARG A 349 5.82 -1.20 12.45
CA ARG A 349 5.99 0.22 12.77
C ARG A 349 6.37 0.92 11.47
N ALA A 350 6.06 2.22 11.37
CA ALA A 350 6.43 2.96 10.17
C ALA A 350 6.69 4.43 10.48
N THR A 351 7.49 5.06 9.63
CA THR A 351 7.77 6.49 9.65
C THR A 351 7.30 7.06 8.32
N PHE A 352 6.64 8.22 8.35
CA PHE A 352 5.82 8.66 7.22
C PHE A 352 6.36 9.91 6.54
N CYS A 353 7.62 10.23 6.72
CA CYS A 353 8.26 11.07 5.72
C CYS A 353 8.25 10.36 4.38
N GLN A 354 8.74 11.05 3.37
CA GLN A 354 8.97 10.39 2.09
C GLN A 354 10.46 10.34 1.84
N PRO A 355 10.99 9.16 1.45
CA PRO A 355 10.30 7.87 1.39
C PRO A 355 9.86 7.39 2.78
N ASN A 356 8.80 6.60 2.82
CA ASN A 356 8.39 5.95 4.05
C ASN A 356 9.48 5.01 4.49
N VAL A 357 9.49 4.72 5.79
CA VAL A 357 10.24 3.58 6.32
C VAL A 357 9.24 2.66 7.01
N ALA A 358 9.37 1.36 6.83
CA ALA A 358 8.42 0.50 7.49
C ALA A 358 9.14 -0.79 7.85
N SER A 359 8.89 -1.32 9.03
CA SER A 359 9.64 -2.51 9.40
C SER A 359 8.86 -3.31 10.42
N PHE A 360 9.26 -4.57 10.56
CA PHE A 360 8.85 -5.35 11.70
C PHE A 360 9.98 -6.33 12.07
N GLY A 361 9.92 -6.81 13.31
CA GLY A 361 10.83 -7.93 13.64
C GLY A 361 12.27 -7.50 13.81
N LEU A 362 13.17 -8.48 13.63
CA LEU A 362 14.61 -8.33 13.89
C LEU A 362 15.34 -7.71 12.70
N THR A 363 16.28 -6.80 12.97
CA THR A 363 17.23 -6.37 11.96
C THR A 363 18.18 -7.53 11.62
N GLU A 364 18.87 -7.41 10.49
CA GLU A 364 19.78 -8.49 10.11
C GLU A 364 20.81 -8.71 11.22
N GLN A 365 21.37 -7.62 11.76
CA GLN A 365 22.39 -7.75 12.82
C GLN A 365 21.81 -8.37 14.08
N GLN A 366 20.61 -7.96 14.49
CA GLN A 366 19.99 -8.56 15.67
C GLN A 366 19.75 -10.05 15.47
N ALA A 367 19.30 -10.45 14.27
CA ALA A 367 19.08 -11.87 13.99
C ALA A 367 20.41 -12.65 14.05
N ARG A 368 21.49 -12.07 13.52
CA ARG A 368 22.80 -12.70 13.61
C ARG A 368 23.25 -12.80 15.07
N ASN A 369 23.13 -11.70 15.82
CA ASN A 369 23.54 -11.68 17.21
C ASN A 369 22.73 -12.64 18.07
N GLU A 370 21.52 -12.99 17.68
CA GLU A 370 20.76 -13.94 18.47
C GLU A 370 20.87 -15.36 17.97
N GLY A 371 21.79 -15.62 17.05
CA GLY A 371 22.07 -17.01 16.75
C GLY A 371 21.19 -17.69 15.74
N TYR A 372 20.41 -16.93 14.96
CA TYR A 372 19.67 -17.57 13.88
C TYR A 372 20.61 -17.89 12.72
N ASP A 373 20.20 -18.81 11.89
CA ASP A 373 20.91 -19.11 10.63
C ASP A 373 20.30 -18.17 9.59
N VAL A 374 20.92 -17.02 9.41
CA VAL A 374 20.22 -15.91 8.77
CA VAL A 374 20.28 -15.86 8.76
C VAL A 374 20.44 -15.95 7.26
N VAL A 375 19.33 -15.79 6.53
CA VAL A 375 19.25 -15.64 5.08
C VAL A 375 18.67 -14.23 4.83
N VAL A 376 19.27 -13.47 3.92
CA VAL A 376 18.77 -12.13 3.62
C VAL A 376 18.43 -12.03 2.14
N ALA A 377 17.34 -11.35 1.80
CA ALA A 377 17.01 -11.10 0.40
C ALA A 377 16.68 -9.61 0.26
N LYS A 378 17.32 -8.90 -0.68
CA LYS A 378 17.11 -7.45 -0.82
C LYS A 378 16.78 -7.11 -2.28
N PHE A 379 15.66 -6.44 -2.51
CA PHE A 379 15.19 -6.12 -3.87
C PHE A 379 15.09 -4.62 -3.96
N PRO A 380 15.81 -3.95 -4.86
CA PRO A 380 15.72 -2.49 -4.99
C PRO A 380 14.50 -2.08 -5.81
N PHE A 381 13.94 -0.92 -5.44
CA PHE A 381 12.82 -0.48 -6.25
C PHE A 381 13.24 -0.01 -7.64
N THR A 382 14.55 0.13 -7.92
CA THR A 382 14.93 0.41 -9.31
C THR A 382 14.55 -0.74 -10.25
N ALA A 383 14.29 -1.93 -9.72
CA ALA A 383 13.85 -3.06 -10.55
C ALA A 383 12.33 -3.26 -10.50
N ASN A 384 11.58 -2.25 -10.05
CA ASN A 384 10.12 -2.37 -9.87
C ASN A 384 9.45 -1.43 -10.85
N ALA A 385 8.55 -1.96 -11.69
CA ALA A 385 7.91 -1.10 -12.70
C ALA A 385 7.04 0.02 -12.09
N LYS A 386 6.28 -0.27 -11.01
CA LYS A 386 5.43 0.78 -10.45
C LYS A 386 6.26 1.95 -9.93
N ALA A 387 7.39 1.66 -9.27
CA ALA A 387 8.19 2.73 -8.66
C ALA A 387 8.71 3.69 -9.72
N HIS A 388 9.02 3.18 -10.91
CA HIS A 388 9.45 4.05 -12.00
C HIS A 388 8.28 4.86 -12.53
N GLY A 389 7.12 4.21 -12.71
CA GLY A 389 5.95 4.97 -13.14
C GLY A 389 5.56 6.09 -12.20
N VAL A 390 5.61 5.83 -10.88
CA VAL A 390 5.29 6.81 -9.87
C VAL A 390 6.31 7.95 -9.83
N GLY A 391 7.51 7.68 -10.32
CA GLY A 391 8.59 8.64 -10.35
C GLY A 391 9.52 8.59 -9.14
N ASP A 392 9.50 7.50 -8.39
CA ASP A 392 10.38 7.36 -7.23
C ASP A 392 10.91 5.94 -7.13
N PRO A 393 11.97 5.63 -7.81
CA PRO A 393 12.50 4.27 -7.77
C PRO A 393 13.55 4.05 -6.67
N SER A 394 13.62 4.95 -5.70
CA SER A 394 14.62 4.78 -4.62
C SER A 394 14.17 3.73 -3.59
N GLY A 395 15.12 3.27 -2.78
CA GLY A 395 14.74 2.37 -1.71
C GLY A 395 14.76 0.91 -2.07
N PHE A 396 14.29 0.10 -1.13
CA PHE A 396 14.37 -1.35 -1.31
C PHE A 396 13.45 -2.02 -0.33
N VAL A 397 13.31 -3.34 -0.49
CA VAL A 397 12.72 -4.21 0.52
C VAL A 397 13.81 -5.21 0.91
N LYS A 398 14.04 -5.38 2.21
CA LYS A 398 15.05 -6.28 2.75
C LYS A 398 14.38 -7.22 3.74
N LEU A 399 14.35 -8.50 3.43
CA LEU A 399 13.74 -9.51 4.31
C LEU A 399 14.85 -10.32 4.99
N VAL A 400 14.66 -10.65 6.27
CA VAL A 400 15.56 -11.47 7.09
C VAL A 400 14.80 -12.73 7.49
N ALA A 401 15.37 -13.90 7.14
CA ALA A 401 14.72 -15.17 7.44
C ALA A 401 15.73 -16.10 8.08
N ASP A 402 15.21 -17.15 8.70
CA ASP A 402 16.03 -18.25 9.20
C ASP A 402 16.11 -19.38 8.17
N ALA A 403 17.33 -19.93 7.95
CA ALA A 403 17.55 -20.85 6.83
C ALA A 403 16.88 -22.25 6.97
N LYS A 404 16.57 -22.73 8.18
CA LYS A 404 16.05 -24.09 8.31
C LYS A 404 14.77 -24.30 7.53
N HIS A 405 13.73 -23.46 7.78
CA HIS A 405 12.46 -23.58 7.07
C HIS A 405 12.08 -22.30 6.32
N GLY A 406 12.90 -21.24 6.38
CA GLY A 406 12.54 -20.01 5.72
C GLY A 406 11.56 -19.17 6.53
N GLU A 407 11.52 -19.37 7.84
CA GLU A 407 10.65 -18.56 8.69
C GLU A 407 11.13 -17.11 8.69
N LEU A 408 10.17 -16.15 8.60
CA LEU A 408 10.57 -14.74 8.62
C LEU A 408 11.01 -14.33 10.00
N LEU A 409 12.10 -13.59 10.08
CA LEU A 409 12.55 -12.97 11.32
C LEU A 409 12.35 -11.46 11.35
N GLY A 410 12.35 -10.79 10.18
CA GLY A 410 12.14 -9.33 10.13
C GLY A 410 12.04 -8.87 8.68
N GLY A 411 11.57 -7.64 8.51
CA GLY A 411 11.45 -7.06 7.17
C GLY A 411 11.67 -5.57 7.32
N HIS A 412 12.37 -4.99 6.36
CA HIS A 412 12.83 -3.62 6.48
C HIS A 412 12.68 -2.97 5.13
N LEU A 413 11.77 -1.99 5.03
CA LEU A 413 11.35 -1.39 3.76
C LEU A 413 11.61 0.10 3.82
N VAL A 414 12.10 0.64 2.71
CA VAL A 414 12.23 2.08 2.59
C VAL A 414 11.86 2.41 1.16
N GLY A 415 10.90 3.29 0.97
CA GLY A 415 10.47 3.57 -0.38
C GLY A 415 9.14 4.29 -0.38
N HIS A 416 8.67 4.61 -1.59
CA HIS A 416 7.42 5.32 -1.75
C HIS A 416 6.25 4.52 -1.16
N ASP A 417 5.60 5.09 -0.13
CA ASP A 417 4.36 4.57 0.48
C ASP A 417 4.50 3.12 0.98
N VAL A 418 5.70 2.68 1.42
CA VAL A 418 5.87 1.27 1.80
C VAL A 418 5.21 0.91 3.12
N ALA A 419 4.68 1.88 3.89
CA ALA A 419 4.01 1.52 5.14
C ALA A 419 2.81 0.62 4.88
N GLU A 420 2.26 0.65 3.67
CA GLU A 420 1.08 -0.20 3.41
C GLU A 420 1.45 -1.65 3.13
N LEU A 421 2.73 -1.98 3.05
CA LEU A 421 3.14 -3.31 2.56
C LEU A 421 3.41 -4.32 3.67
N LEU A 422 3.36 -3.92 4.95
CA LEU A 422 3.70 -4.85 6.02
C LEU A 422 2.69 -5.98 6.29
N PRO A 423 1.37 -5.84 6.02
CA PRO A 423 0.42 -6.85 6.57
C PRO A 423 0.70 -8.29 6.15
N GLU A 424 1.07 -8.50 4.89
CA GLU A 424 1.33 -9.88 4.48
C GLU A 424 2.51 -10.45 5.26
N LEU A 425 3.53 -9.63 5.55
CA LEU A 425 4.72 -10.13 6.23
C LEU A 425 4.39 -10.50 7.67
N THR A 426 3.63 -9.62 8.38
CA THR A 426 3.38 -9.94 9.79
C THR A 426 2.35 -11.08 9.90
N LEU A 427 1.43 -11.19 8.94
CA LEU A 427 0.50 -12.33 8.98
C LEU A 427 1.27 -13.64 8.84
N ALA A 428 2.25 -13.67 7.92
CA ALA A 428 3.04 -14.88 7.74
C ALA A 428 3.87 -15.19 8.97
N GLN A 429 4.47 -14.18 9.56
CA GLN A 429 5.29 -14.43 10.74
C GLN A 429 4.43 -14.97 11.89
N ARG A 430 3.23 -14.40 12.11
CA ARG A 430 2.36 -14.81 13.22
C ARG A 430 1.83 -16.24 13.05
N TRP A 431 1.48 -16.62 11.83
CA TRP A 431 0.79 -17.89 11.60
C TRP A 431 1.68 -18.89 10.89
N ASP A 432 3.00 -18.70 10.97
CA ASP A 432 4.00 -19.71 10.58
C ASP A 432 3.94 -20.06 9.09
N LEU A 433 3.68 -19.08 8.23
CA LEU A 433 3.84 -19.27 6.80
C LEU A 433 5.27 -18.88 6.45
N THR A 434 5.97 -19.75 5.75
CA THR A 434 7.38 -19.54 5.47
C THR A 434 7.59 -18.91 4.11
N ALA A 435 8.85 -18.58 3.82
CA ALA A 435 9.17 -18.00 2.51
C ALA A 435 8.65 -18.85 1.36
N SER A 436 8.65 -20.18 1.52
CA SER A 436 8.20 -20.95 0.36
C SER A 436 6.69 -20.86 0.19
N GLU A 437 5.92 -20.61 1.26
CA GLU A 437 4.50 -20.35 1.06
C GLU A 437 4.30 -18.95 0.49
N LEU A 438 5.09 -17.98 0.95
CA LEU A 438 4.90 -16.60 0.51
C LEU A 438 5.23 -16.43 -0.98
N ALA A 439 6.29 -17.10 -1.45
CA ALA A 439 6.70 -16.97 -2.85
C ALA A 439 5.61 -17.42 -3.81
N ARG A 440 4.67 -18.22 -3.37
CA ARG A 440 3.60 -18.66 -4.25
C ARG A 440 2.42 -17.71 -4.26
N ASN A 441 2.42 -16.66 -3.43
CA ASN A 441 1.31 -15.70 -3.40
C ASN A 441 1.49 -14.71 -4.54
N VAL A 442 0.56 -14.70 -5.49
CA VAL A 442 0.70 -13.89 -6.69
C VAL A 442 0.42 -12.44 -6.34
N HIS A 443 1.34 -11.54 -6.68
CA HIS A 443 1.14 -10.12 -6.38
C HIS A 443 0.79 -9.38 -7.66
N THR A 444 -0.16 -8.45 -7.53
CA THR A 444 -0.67 -7.71 -8.67
C THR A 444 0.41 -6.89 -9.33
N HIS A 445 0.36 -6.81 -10.63
CA HIS A 445 1.30 -6.00 -11.41
C HIS A 445 0.59 -4.80 -11.98
N PRO A 446 1.22 -3.60 -12.00
CA PRO A 446 2.50 -3.21 -11.41
C PRO A 446 2.24 -2.58 -10.04
N THR A 447 2.81 -3.11 -8.98
CA THR A 447 2.58 -2.57 -7.64
C THR A 447 3.92 -2.54 -6.92
N MET A 448 4.05 -1.65 -5.94
CA MET A 448 5.26 -1.74 -5.13
C MET A 448 5.30 -3.05 -4.38
N SER A 449 4.15 -3.69 -4.19
CA SER A 449 4.15 -4.93 -3.44
C SER A 449 4.85 -6.08 -4.19
N GLU A 450 5.01 -6.00 -5.52
CA GLU A 450 5.79 -7.04 -6.23
C GLU A 450 7.20 -7.20 -5.69
N ALA A 451 7.75 -6.13 -5.10
CA ALA A 451 9.06 -6.25 -4.51
C ALA A 451 9.05 -7.27 -3.39
N LEU A 452 7.93 -7.37 -2.66
CA LEU A 452 7.86 -8.38 -1.61
C LEU A 452 8.03 -9.74 -2.24
N GLN A 453 7.28 -10.01 -3.30
CA GLN A 453 7.28 -11.34 -3.87
C GLN A 453 8.67 -11.69 -4.39
N GLU A 454 9.38 -10.72 -4.97
CA GLU A 454 10.76 -11.02 -5.43
C GLU A 454 11.69 -11.33 -4.24
N CYS A 455 11.50 -10.64 -3.11
CA CYS A 455 12.28 -10.99 -1.92
C CYS A 455 11.99 -12.43 -1.48
N PHE A 456 10.71 -12.85 -1.53
CA PHE A 456 10.39 -14.24 -1.20
C PHE A 456 11.15 -15.19 -2.13
N HIS A 457 11.21 -14.88 -3.43
CA HIS A 457 11.94 -15.75 -4.38
C HIS A 457 13.41 -15.85 -3.99
N GLY A 458 14.01 -14.73 -3.61
CA GLY A 458 15.41 -14.75 -3.22
C GLY A 458 15.66 -15.52 -1.94
N LEU A 459 14.68 -15.54 -1.02
CA LEU A 459 14.86 -16.28 0.23
C LEU A 459 14.84 -17.78 -0.04
N VAL A 460 14.05 -18.21 -1.02
CA VAL A 460 13.91 -19.64 -1.28
C VAL A 460 14.75 -20.14 -2.47
N GLY A 461 15.35 -19.24 -3.24
CA GLY A 461 16.00 -19.69 -4.45
C GLY A 461 16.67 -18.52 -5.11
N HIS A 462 16.17 -18.15 -6.29
CA HIS A 462 16.69 -17.04 -7.08
C HIS A 462 15.56 -16.08 -7.45
N MET A 463 15.78 -14.80 -7.23
CA MET A 463 14.94 -13.73 -7.77
C MET A 463 14.78 -13.93 -9.27
N ILE A 464 13.67 -13.44 -9.82
CA ILE A 464 13.41 -13.60 -11.26
C ILE A 464 13.62 -12.26 -11.98
N ASN A 465 12.98 -11.20 -11.50
CA ASN A 465 13.09 -9.92 -12.18
C ASN A 465 14.26 -9.08 -11.69
N PHE A 466 15.10 -9.65 -10.84
CA PHE A 466 16.32 -8.99 -10.45
C PHE A 466 17.49 -9.96 -10.78
N MET B 3 18.80 -25.60 -37.82
CA MET B 3 17.89 -26.46 -37.05
C MET B 3 18.45 -26.70 -35.64
N THR B 4 18.91 -25.62 -34.99
CA THR B 4 19.46 -25.72 -33.64
C THR B 4 18.40 -26.25 -32.66
N HIS B 5 18.86 -26.90 -31.61
CA HIS B 5 17.96 -27.58 -30.69
C HIS B 5 18.09 -26.99 -29.29
N TYR B 6 16.95 -26.81 -28.62
CA TYR B 6 16.87 -26.31 -27.24
C TYR B 6 15.96 -27.23 -26.44
N ASP B 7 16.22 -27.38 -25.13
CA ASP B 7 15.24 -28.05 -24.29
C ASP B 7 13.89 -27.32 -24.34
N VAL B 8 13.93 -25.98 -24.31
CA VAL B 8 12.71 -25.17 -24.24
C VAL B 8 12.83 -24.05 -25.23
N VAL B 9 11.80 -23.89 -26.05
CA VAL B 9 11.62 -22.71 -26.86
C VAL B 9 10.37 -21.97 -26.39
N VAL B 10 10.52 -20.67 -26.18
CA VAL B 10 9.42 -19.83 -25.74
C VAL B 10 9.03 -18.96 -26.92
N LEU B 11 7.74 -18.89 -27.22
CA LEU B 11 7.22 -18.10 -28.31
C LEU B 11 6.55 -16.85 -27.74
N GLY B 12 7.18 -15.68 -27.90
CA GLY B 12 6.70 -14.40 -27.38
C GLY B 12 7.48 -14.01 -26.13
N ALA B 13 7.84 -12.72 -25.94
CA ALA B 13 8.67 -12.31 -24.84
C ALA B 13 7.95 -11.25 -23.99
N GLY B 14 6.65 -11.39 -23.85
CA GLY B 14 5.90 -10.59 -22.88
C GLY B 14 6.20 -11.10 -21.46
N PRO B 15 5.55 -10.53 -20.44
CA PRO B 15 5.79 -11.01 -19.06
C PRO B 15 5.64 -12.49 -18.90
N GLY B 16 4.71 -13.16 -19.61
CA GLY B 16 4.64 -14.60 -19.42
C GLY B 16 5.84 -15.29 -20.06
N GLY B 17 6.15 -14.93 -21.30
CA GLY B 17 7.28 -15.58 -21.98
C GLY B 17 8.64 -15.31 -21.37
N TYR B 18 8.97 -14.04 -21.09
CA TYR B 18 10.33 -13.83 -20.59
C TYR B 18 10.52 -14.37 -19.17
N VAL B 19 9.46 -14.40 -18.35
CA VAL B 19 9.60 -14.99 -17.01
C VAL B 19 9.70 -16.52 -17.11
N ALA B 20 8.90 -17.14 -17.98
CA ALA B 20 9.00 -18.60 -18.16
C ALA B 20 10.41 -18.98 -18.59
N ALA B 21 11.03 -18.16 -19.45
CA ALA B 21 12.38 -18.45 -19.94
C ALA B 21 13.41 -18.27 -18.82
N ILE B 22 13.25 -17.24 -17.96
CA ILE B 22 14.14 -17.13 -16.81
C ILE B 22 13.99 -18.35 -15.91
N ARG B 23 12.77 -18.78 -15.66
CA ARG B 23 12.59 -19.88 -14.71
C ARG B 23 13.15 -21.19 -15.30
N ALA B 24 12.92 -21.43 -16.60
CA ALA B 24 13.49 -22.61 -17.24
C ALA B 24 15.01 -22.57 -17.19
N ALA B 25 15.59 -21.40 -17.44
CA ALA B 25 17.04 -21.26 -17.37
C ALA B 25 17.55 -21.51 -15.95
N GLN B 26 16.83 -21.02 -14.92
CA GLN B 26 17.26 -21.25 -13.55
C GLN B 26 17.31 -22.74 -13.23
N LEU B 27 16.42 -23.52 -13.81
CA LEU B 27 16.29 -24.96 -13.61
C LEU B 27 17.24 -25.79 -14.50
N GLY B 28 18.21 -25.17 -15.16
CA GLY B 28 19.17 -25.92 -15.97
C GLY B 28 18.72 -26.32 -17.37
N LEU B 29 17.70 -25.66 -17.93
CA LEU B 29 17.21 -26.01 -19.25
C LEU B 29 17.76 -25.04 -20.30
N SER B 30 18.31 -25.58 -21.38
CA SER B 30 18.74 -24.71 -22.48
C SER B 30 17.52 -24.05 -23.08
N THR B 31 17.52 -22.71 -23.13
CA THR B 31 16.30 -22.00 -23.46
C THR B 31 16.54 -20.96 -24.55
N ALA B 32 15.56 -20.85 -25.43
CA ALA B 32 15.56 -19.83 -26.47
C ALA B 32 14.21 -19.14 -26.42
N ILE B 33 14.20 -17.84 -26.67
CA ILE B 33 12.91 -17.15 -26.75
C ILE B 33 12.83 -16.38 -28.07
N VAL B 34 11.70 -16.50 -28.74
CA VAL B 34 11.48 -15.99 -30.08
C VAL B 34 10.50 -14.83 -30.00
N GLU B 35 10.94 -13.66 -30.51
CA GLU B 35 10.11 -12.45 -30.44
C GLU B 35 10.47 -11.47 -31.56
N PRO B 36 9.50 -11.03 -32.36
CA PRO B 36 9.82 -10.08 -33.45
C PRO B 36 9.79 -8.61 -33.11
N LYS B 37 9.18 -8.21 -31.99
CA LYS B 37 8.78 -6.82 -31.94
C LYS B 37 8.91 -6.20 -30.55
N TYR B 38 8.36 -6.87 -29.51
CA TYR B 38 8.21 -6.25 -28.17
C TYR B 38 8.87 -7.16 -27.17
N TRP B 39 10.10 -6.83 -26.82
CA TRP B 39 10.73 -7.48 -25.67
C TRP B 39 10.12 -6.91 -24.40
N GLY B 40 9.55 -7.76 -23.58
CA GLY B 40 8.64 -7.31 -22.53
C GLY B 40 7.19 -7.25 -23.00
N GLY B 41 6.93 -7.55 -24.29
CA GLY B 41 5.55 -7.68 -24.69
C GLY B 41 4.74 -6.38 -24.71
N VAL B 42 3.42 -6.59 -24.74
CA VAL B 42 2.50 -5.45 -24.66
C VAL B 42 2.72 -4.70 -23.35
N CYS B 43 2.81 -5.44 -22.25
CA CYS B 43 2.84 -4.83 -20.92
C CYS B 43 3.95 -3.79 -20.80
N LEU B 44 5.19 -4.16 -21.16
CA LEU B 44 6.31 -3.24 -20.94
C LEU B 44 6.40 -2.15 -22.01
N ASN B 45 5.93 -2.43 -23.23
CA ASN B 45 6.13 -1.51 -24.35
C ASN B 45 4.98 -0.53 -24.52
N VAL B 46 3.72 -1.01 -24.43
CA VAL B 46 2.56 -0.19 -24.79
C VAL B 46 1.41 -0.43 -23.83
N GLY B 47 1.70 -1.03 -22.67
CA GLY B 47 0.66 -1.45 -21.73
C GLY B 47 0.87 -1.04 -20.29
N CYS B 48 0.95 -1.99 -19.33
CA CYS B 48 1.10 -1.66 -17.91
C CYS B 48 2.11 -0.56 -17.64
N ILE B 49 3.32 -0.67 -18.20
CA ILE B 49 4.38 0.20 -17.71
C ILE B 49 4.10 1.64 -18.12
N PRO B 50 3.95 1.93 -19.42
CA PRO B 50 3.70 3.32 -19.77
C PRO B 50 2.36 3.82 -19.27
N SER B 51 1.32 2.99 -19.24
CA SER B 51 0.05 3.51 -18.74
C SER B 51 0.17 3.92 -17.26
N LYS B 52 0.93 3.18 -16.44
CA LYS B 52 0.98 3.61 -15.03
C LYS B 52 1.76 4.92 -14.91
N ALA B 53 2.74 5.17 -15.82
CA ALA B 53 3.43 6.46 -15.79
C ALA B 53 2.47 7.59 -16.16
N LEU B 54 1.68 7.38 -17.21
CA LEU B 54 0.73 8.41 -17.61
C LEU B 54 -0.31 8.64 -16.52
N LEU B 55 -0.75 7.54 -15.86
CA LEU B 55 -1.76 7.70 -14.78
C LEU B 55 -1.21 8.52 -13.60
N ARG B 56 0.06 8.36 -13.28
CA ARG B 56 0.62 9.17 -12.20
C ARG B 56 0.63 10.64 -12.61
N ASN B 57 1.09 10.92 -13.83
CA ASN B 57 1.03 12.32 -14.30
C ASN B 57 -0.38 12.87 -14.17
N ALA B 58 -1.36 12.11 -14.66
CA ALA B 58 -2.75 12.56 -14.63
C ALA B 58 -3.22 12.81 -13.21
N GLU B 59 -2.80 11.95 -12.27
CA GLU B 59 -3.16 12.14 -10.87
C GLU B 59 -2.61 13.45 -10.32
N LEU B 60 -1.37 13.79 -10.68
CA LEU B 60 -0.80 15.04 -10.22
C LEU B 60 -1.55 16.24 -10.82
N VAL B 61 -1.95 16.15 -12.11
CA VAL B 61 -2.81 17.21 -12.63
C VAL B 61 -4.05 17.35 -11.77
N HIS B 62 -4.68 16.23 -11.46
CA HIS B 62 -5.95 16.21 -10.74
C HIS B 62 -5.81 16.81 -9.35
N ILE B 63 -4.65 16.57 -8.73
CA ILE B 63 -4.32 17.19 -7.44
C ILE B 63 -4.03 18.68 -7.62
N PHE B 64 -3.00 19.02 -8.43
CA PHE B 64 -2.54 20.44 -8.49
C PHE B 64 -3.53 21.34 -9.22
N THR B 65 -4.73 20.78 -9.49
CA THR B 65 -5.85 21.42 -10.20
C THR B 65 -7.11 21.47 -9.35
N LYS B 66 -7.73 20.34 -9.02
CA LYS B 66 -8.94 20.28 -8.22
C LYS B 66 -8.71 20.47 -6.71
N ASP B 67 -7.52 20.18 -6.20
CA ASP B 67 -7.29 20.19 -4.76
C ASP B 67 -6.28 21.25 -4.31
N ALA B 68 -5.72 22.04 -5.22
CA ALA B 68 -4.64 22.98 -4.84
C ALA B 68 -5.05 23.90 -3.71
N LYS B 69 -6.27 24.44 -3.77
CA LYS B 69 -6.72 25.36 -2.74
C LYS B 69 -6.78 24.69 -1.38
N ALA B 70 -7.31 23.46 -1.34
CA ALA B 70 -7.49 22.82 -0.06
C ALA B 70 -6.15 22.46 0.55
N PHE B 71 -5.10 22.36 -0.24
CA PHE B 71 -3.76 22.09 0.26
C PHE B 71 -2.94 23.36 0.42
N GLY B 72 -3.53 24.53 0.18
CA GLY B 72 -2.81 25.76 0.40
C GLY B 72 -1.85 26.12 -0.71
N ILE B 73 -2.11 25.61 -1.92
CA ILE B 73 -1.25 25.77 -3.08
C ILE B 73 -1.88 26.81 -4.00
N SER B 74 -1.15 27.86 -4.34
CA SER B 74 -1.69 28.98 -5.11
C SER B 74 -0.78 29.31 -6.28
N GLY B 75 -1.39 29.79 -7.37
CA GLY B 75 -0.59 30.05 -8.55
C GLY B 75 -1.21 29.44 -9.78
N GLU B 76 -0.81 29.95 -10.94
CA GLU B 76 -1.39 29.49 -12.19
C GLU B 76 -0.50 28.37 -12.70
N VAL B 77 -1.02 27.17 -12.71
CA VAL B 77 -0.24 26.00 -13.09
C VAL B 77 -0.68 25.54 -14.48
N THR B 78 0.29 25.19 -15.32
CA THR B 78 -0.03 24.53 -16.58
C THR B 78 0.64 23.17 -16.64
N PHE B 79 0.08 22.28 -17.46
CA PHE B 79 0.59 20.93 -17.56
C PHE B 79 0.75 20.66 -19.05
N ASP B 80 1.77 19.89 -19.41
CA ASP B 80 2.08 19.60 -20.79
C ASP B 80 2.00 18.09 -20.98
N TYR B 81 0.98 17.60 -21.72
CA TYR B 81 0.90 16.14 -21.90
C TYR B 81 2.12 15.59 -22.64
N GLY B 82 2.72 16.41 -23.50
CA GLY B 82 3.86 15.90 -24.26
C GLY B 82 5.00 15.45 -23.35
N ILE B 83 5.21 16.17 -22.26
CA ILE B 83 6.24 15.77 -21.28
C ILE B 83 5.80 14.50 -20.56
N ALA B 84 4.51 14.36 -20.24
CA ALA B 84 4.02 13.08 -19.69
C ALA B 84 4.28 11.93 -20.68
N TYR B 85 3.94 12.15 -21.96
CA TYR B 85 4.21 11.14 -22.96
C TYR B 85 5.69 10.80 -22.99
N ASP B 86 6.55 11.82 -23.05
CA ASP B 86 7.99 11.57 -23.16
C ASP B 86 8.50 10.73 -22.01
N ARG B 87 8.07 11.09 -20.77
CA ARG B 87 8.44 10.32 -19.59
C ARG B 87 7.96 8.88 -19.70
N SER B 88 6.71 8.67 -20.18
CA SER B 88 6.20 7.30 -20.29
C SER B 88 7.06 6.46 -21.22
N ARG B 89 7.58 7.07 -22.31
CA ARG B 89 8.40 6.32 -23.26
C ARG B 89 9.76 6.04 -22.66
N LYS B 90 10.31 6.98 -21.90
CA LYS B 90 11.61 6.69 -21.30
C LYS B 90 11.49 5.64 -20.23
N VAL B 91 10.37 5.63 -19.49
CA VAL B 91 10.15 4.57 -18.50
C VAL B 91 10.05 3.20 -19.18
N ALA B 92 9.23 3.11 -20.25
CA ALA B 92 9.07 1.86 -20.97
C ALA B 92 10.42 1.39 -21.50
N GLU B 93 11.21 2.31 -22.09
CA GLU B 93 12.50 1.89 -22.68
C GLU B 93 13.47 1.37 -21.63
N GLY B 94 13.52 2.02 -20.46
CA GLY B 94 14.35 1.48 -19.39
C GLY B 94 13.94 0.07 -18.97
N ARG B 95 12.63 -0.20 -18.88
CA ARG B 95 12.24 -1.55 -18.46
C ARG B 95 12.51 -2.58 -19.56
N VAL B 96 12.37 -2.18 -20.83
CA VAL B 96 12.68 -3.13 -21.89
C VAL B 96 14.17 -3.49 -21.85
N ALA B 97 15.03 -2.50 -21.63
CA ALA B 97 16.46 -2.77 -21.49
C ALA B 97 16.71 -3.70 -20.32
N GLY B 98 15.87 -3.60 -19.28
CA GLY B 98 15.91 -4.58 -18.19
C GLY B 98 15.65 -6.00 -18.65
N VAL B 99 14.65 -6.21 -19.52
CA VAL B 99 14.38 -7.57 -19.97
C VAL B 99 15.62 -8.14 -20.67
N HIS B 100 16.26 -7.36 -21.53
CA HIS B 100 17.46 -7.84 -22.24
C HIS B 100 18.58 -8.15 -21.25
N PHE B 101 18.78 -7.29 -20.26
CA PHE B 101 19.74 -7.59 -19.20
C PHE B 101 19.45 -8.95 -18.57
N LEU B 102 18.18 -9.25 -18.28
CA LEU B 102 17.88 -10.51 -17.60
C LEU B 102 18.04 -11.69 -18.55
N MET B 103 17.77 -11.47 -19.84
CA MET B 103 18.01 -12.51 -20.83
C MET B 103 19.50 -12.89 -20.83
N LYS B 104 20.40 -11.90 -20.89
CA LYS B 104 21.85 -12.19 -20.85
C LYS B 104 22.27 -12.78 -19.50
N LYS B 105 21.78 -12.22 -18.38
CA LYS B 105 22.15 -12.74 -17.07
C LYS B 105 21.84 -14.22 -16.97
N ASN B 106 20.71 -14.65 -17.52
CA ASN B 106 20.32 -16.05 -17.44
C ASN B 106 20.79 -16.87 -18.65
N LYS B 107 21.62 -16.31 -19.52
CA LYS B 107 22.14 -17.04 -20.67
C LYS B 107 21.03 -17.63 -21.55
N ILE B 108 19.95 -16.90 -21.71
CA ILE B 108 18.87 -17.26 -22.62
C ILE B 108 19.22 -16.72 -24.00
N THR B 109 19.01 -17.55 -25.04
CA THR B 109 19.24 -17.14 -26.44
C THR B 109 18.04 -16.34 -26.94
N GLU B 110 18.27 -15.10 -27.37
CA GLU B 110 17.24 -14.30 -28.06
C GLU B 110 17.25 -14.64 -29.56
N ILE B 111 16.08 -14.92 -30.10
CA ILE B 111 15.86 -15.10 -31.54
C ILE B 111 14.95 -13.98 -32.03
N HIS B 112 15.48 -13.10 -32.87
CA HIS B 112 14.72 -11.92 -33.27
C HIS B 112 13.92 -12.19 -34.55
N GLY B 113 12.75 -12.78 -34.38
CA GLY B 113 11.88 -12.98 -35.51
C GLY B 113 10.53 -13.52 -35.09
N TYR B 114 9.76 -13.95 -36.08
CA TYR B 114 8.41 -14.46 -35.87
C TYR B 114 8.38 -15.97 -36.09
N GLY B 115 7.80 -16.71 -35.15
CA GLY B 115 7.81 -18.18 -35.18
C GLY B 115 6.52 -18.77 -35.71
N THR B 116 6.68 -19.74 -36.64
CA THR B 116 5.55 -20.55 -37.09
C THR B 116 5.88 -22.02 -36.86
N PHE B 117 4.95 -22.80 -36.27
CA PHE B 117 5.23 -24.23 -36.07
C PHE B 117 5.23 -24.97 -37.41
N ALA B 118 6.23 -25.84 -37.61
CA ALA B 118 6.15 -26.78 -38.74
C ALA B 118 5.52 -28.11 -38.34
N ASP B 119 5.64 -28.49 -37.08
CA ASP B 119 5.10 -29.73 -36.49
C ASP B 119 5.28 -29.58 -34.98
N ALA B 120 4.93 -30.63 -34.21
CA ALA B 120 4.96 -30.55 -32.75
C ALA B 120 6.34 -30.29 -32.15
N ASN B 121 7.43 -30.42 -32.91
CA ASN B 121 8.76 -30.22 -32.32
C ASN B 121 9.62 -29.31 -33.17
N THR B 122 9.03 -28.57 -34.11
CA THR B 122 9.82 -27.76 -35.02
C THR B 122 9.15 -26.42 -35.18
N LEU B 123 9.95 -25.36 -35.07
CA LEU B 123 9.51 -23.99 -35.28
C LEU B 123 10.31 -23.38 -36.41
N LEU B 124 9.63 -22.84 -37.40
CA LEU B 124 10.30 -22.07 -38.45
C LEU B 124 10.23 -20.59 -38.10
N VAL B 125 11.33 -19.88 -38.21
CA VAL B 125 11.36 -18.48 -37.80
C VAL B 125 11.67 -17.61 -39.02
N ASP B 126 10.81 -16.61 -39.26
CA ASP B 126 11.15 -15.53 -40.19
C ASP B 126 11.95 -14.47 -39.42
N LEU B 127 13.24 -14.39 -39.69
CA LEU B 127 14.09 -13.49 -38.94
C LEU B 127 13.83 -12.03 -39.30
N ASN B 128 13.93 -11.14 -38.29
CA ASN B 128 13.82 -9.70 -38.57
C ASN B 128 14.83 -9.24 -39.62
N ASP B 129 15.99 -9.89 -39.73
CA ASP B 129 16.96 -9.56 -40.81
C ASP B 129 16.59 -10.10 -42.20
N GLY B 130 15.42 -10.68 -42.40
CA GLY B 130 15.05 -11.23 -43.69
C GLY B 130 15.32 -12.72 -43.87
N GLY B 131 16.26 -13.29 -43.10
CA GLY B 131 16.50 -14.71 -43.19
C GLY B 131 15.36 -15.56 -42.65
N THR B 132 15.53 -16.88 -42.82
CA THR B 132 14.57 -17.86 -42.31
C THR B 132 15.38 -18.98 -41.71
N GLU B 133 14.97 -19.41 -40.52
CA GLU B 133 15.73 -20.40 -39.76
C GLU B 133 14.76 -21.36 -39.11
N SER B 134 15.28 -22.51 -38.71
CA SER B 134 14.47 -23.56 -38.11
C SER B 134 15.03 -23.84 -36.74
N VAL B 135 14.17 -24.29 -35.83
CA VAL B 135 14.61 -24.60 -34.48
C VAL B 135 13.79 -25.79 -34.01
N THR B 136 14.45 -26.76 -33.40
CA THR B 136 13.71 -27.86 -32.82
C THR B 136 13.79 -27.73 -31.31
N PHE B 137 12.92 -28.45 -30.63
CA PHE B 137 12.80 -28.34 -29.19
C PHE B 137 12.22 -29.62 -28.59
N ASP B 138 12.54 -29.85 -27.32
CA ASP B 138 11.85 -30.88 -26.53
C ASP B 138 10.52 -30.37 -25.96
N ASN B 139 10.46 -29.10 -25.58
CA ASN B 139 9.22 -28.52 -25.08
C ASN B 139 9.08 -27.12 -25.61
N ALA B 140 7.83 -26.70 -25.82
CA ALA B 140 7.53 -25.34 -26.27
C ALA B 140 6.58 -24.66 -25.29
N ILE B 141 6.78 -23.38 -25.10
CA ILE B 141 5.88 -22.58 -24.25
C ILE B 141 5.32 -21.48 -25.16
N ILE B 142 4.02 -21.51 -25.40
CA ILE B 142 3.40 -20.55 -26.30
C ILE B 142 2.95 -19.38 -25.43
N ALA B 143 3.49 -18.21 -25.72
CA ALA B 143 3.23 -17.02 -24.88
C ALA B 143 2.98 -15.82 -25.76
N THR B 144 2.09 -15.97 -26.70
CA THR B 144 1.92 -15.07 -27.83
C THR B 144 0.87 -13.98 -27.57
N GLY B 145 0.25 -13.94 -26.40
CA GLY B 145 -0.59 -12.79 -26.05
C GLY B 145 -1.95 -12.72 -26.75
N SER B 146 -2.53 -11.51 -26.75
CA SER B 146 -3.85 -11.25 -27.31
CA SER B 146 -3.86 -11.24 -27.29
C SER B 146 -3.82 -9.99 -28.14
N SER B 147 -4.90 -9.77 -28.89
CA SER B 147 -5.05 -8.57 -29.72
C SER B 147 -6.41 -7.95 -29.45
N THR B 148 -6.50 -6.66 -29.76
CA THR B 148 -7.72 -5.92 -29.48
C THR B 148 -8.89 -6.45 -30.31
N ARG B 149 -10.02 -6.68 -29.64
CA ARG B 149 -11.27 -7.09 -30.27
C ARG B 149 -12.00 -5.84 -30.76
N LEU B 150 -12.42 -5.82 -32.02
CA LEU B 150 -13.09 -4.63 -32.57
C LEU B 150 -14.60 -4.79 -32.45
N VAL B 151 -15.30 -3.66 -32.28
CA VAL B 151 -16.76 -3.77 -32.29
C VAL B 151 -17.16 -4.42 -33.61
N PRO B 152 -18.02 -5.45 -33.60
CA PRO B 152 -18.43 -6.12 -34.86
C PRO B 152 -18.83 -5.15 -35.94
N GLY B 153 -18.25 -5.30 -37.12
CA GLY B 153 -18.60 -4.47 -38.22
C GLY B 153 -17.78 -3.21 -38.37
N THR B 154 -16.93 -2.87 -37.39
CA THR B 154 -16.18 -1.62 -37.46
C THR B 154 -14.74 -1.93 -37.87
N SER B 155 -14.00 -0.87 -38.14
CA SER B 155 -12.64 -0.98 -38.62
C SER B 155 -11.80 0.10 -37.94
N LEU B 156 -10.48 -0.09 -37.95
CA LEU B 156 -9.57 0.94 -37.47
C LEU B 156 -9.26 1.94 -38.57
N SER B 157 -8.89 3.15 -38.17
CA SER B 157 -8.60 4.18 -39.18
C SER B 157 -7.86 5.31 -38.50
N ALA B 158 -7.73 6.43 -39.21
CA ALA B 158 -6.96 7.53 -38.65
C ALA B 158 -7.48 7.96 -37.29
N ASN B 159 -8.82 8.00 -37.11
CA ASN B 159 -9.39 8.50 -35.89
C ASN B 159 -10.09 7.43 -35.08
N VAL B 160 -9.87 6.16 -35.39
CA VAL B 160 -10.47 5.03 -34.67
C VAL B 160 -9.34 4.09 -34.36
N VAL B 161 -8.97 4.01 -33.07
CA VAL B 161 -7.67 3.50 -32.68
C VAL B 161 -7.87 2.47 -31.59
N THR B 162 -6.86 1.62 -31.40
CA THR B 162 -6.75 0.75 -30.22
C THR B 162 -5.87 1.43 -29.19
N TYR B 163 -5.68 0.77 -28.03
CA TYR B 163 -4.80 1.32 -27.00
C TYR B 163 -3.41 1.65 -27.55
N GLU B 164 -2.96 0.91 -28.57
CA GLU B 164 -1.58 0.98 -29.00
C GLU B 164 -1.30 2.32 -29.66
N GLU B 165 -2.15 2.69 -30.63
CA GLU B 165 -2.00 4.00 -31.26
C GLU B 165 -2.26 5.12 -30.28
N GLN B 166 -3.27 4.97 -29.42
CA GLN B 166 -3.55 6.02 -28.46
C GLN B 166 -2.38 6.25 -27.49
N ILE B 167 -1.85 5.18 -26.89
CA ILE B 167 -0.79 5.35 -25.91
C ILE B 167 0.50 5.83 -26.56
N LEU B 168 0.67 5.58 -27.88
CA LEU B 168 1.83 6.13 -28.57
C LEU B 168 1.59 7.55 -29.14
N SER B 169 0.51 8.22 -28.80
CA SER B 169 0.27 9.57 -29.30
C SER B 169 0.81 10.59 -28.32
N ARG B 170 1.68 11.48 -28.82
CA ARG B 170 2.13 12.61 -28.01
C ARG B 170 1.10 13.74 -27.93
N GLU B 171 0.20 13.81 -28.90
CA GLU B 171 -0.80 14.87 -28.99
C GLU B 171 -2.17 14.27 -28.70
N LEU B 172 -3.02 15.04 -27.94
CA LEU B 172 -4.33 14.60 -27.51
C LEU B 172 -5.43 15.20 -28.39
N PRO B 173 -6.54 14.51 -28.58
CA PRO B 173 -7.67 15.12 -29.30
C PRO B 173 -8.45 16.05 -28.39
N LYS B 174 -9.37 16.81 -29.01
CA LYS B 174 -10.25 17.65 -28.20
C LYS B 174 -11.28 16.81 -27.46
N SER B 175 -11.63 15.66 -28.02
CA SER B 175 -12.77 14.93 -27.51
C SER B 175 -12.58 13.48 -27.95
N ILE B 176 -13.09 12.56 -27.14
CA ILE B 176 -12.92 11.14 -27.47
C ILE B 176 -14.14 10.39 -27.01
N ILE B 177 -14.46 9.31 -27.73
CA ILE B 177 -15.45 8.35 -27.28
C ILE B 177 -14.72 7.03 -27.08
N ILE B 178 -14.85 6.46 -25.87
CA ILE B 178 -14.18 5.19 -25.55
C ILE B 178 -15.23 4.11 -25.51
N ALA B 179 -15.08 3.10 -26.36
CA ALA B 179 -15.98 1.95 -26.36
C ALA B 179 -15.45 0.90 -25.38
N GLY B 180 -16.16 0.69 -24.29
CA GLY B 180 -15.80 -0.31 -23.31
C GLY B 180 -15.46 0.38 -21.99
N ALA B 181 -16.14 0.03 -20.94
CA ALA B 181 -15.78 0.53 -19.61
C ALA B 181 -15.12 -0.53 -18.75
N GLY B 182 -14.19 -1.31 -19.30
CA GLY B 182 -13.32 -2.12 -18.46
C GLY B 182 -12.15 -1.28 -17.98
N ALA B 183 -11.14 -1.98 -17.42
CA ALA B 183 -10.03 -1.27 -16.79
C ALA B 183 -9.33 -0.37 -17.80
N ILE B 184 -9.12 -0.86 -19.01
CA ILE B 184 -8.37 -0.10 -20.00
C ILE B 184 -9.13 1.18 -20.35
N GLY B 185 -10.40 1.03 -20.68
CA GLY B 185 -11.16 2.21 -21.08
C GLY B 185 -11.25 3.21 -19.93
N MET B 186 -11.45 2.72 -18.71
CA MET B 186 -11.55 3.64 -17.58
C MET B 186 -10.22 4.34 -17.34
N GLU B 187 -9.10 3.63 -17.51
CA GLU B 187 -7.81 4.26 -17.25
C GLU B 187 -7.49 5.31 -18.28
N PHE B 188 -7.71 5.00 -19.56
CA PHE B 188 -7.53 6.03 -20.57
C PHE B 188 -8.48 7.19 -20.33
N GLY B 189 -9.72 6.91 -19.90
CA GLY B 189 -10.63 8.01 -19.63
C GLY B 189 -10.11 8.92 -18.51
N TYR B 190 -9.52 8.34 -17.48
CA TYR B 190 -8.94 9.12 -16.38
C TYR B 190 -7.79 9.98 -16.89
N VAL B 191 -6.84 9.40 -17.65
CA VAL B 191 -5.72 10.22 -18.15
C VAL B 191 -6.24 11.34 -19.06
N LEU B 192 -7.04 10.99 -20.06
CA LEU B 192 -7.42 12.04 -21.02
C LEU B 192 -8.27 13.13 -20.37
N LYS B 193 -9.21 12.78 -19.48
CA LYS B 193 -10.07 13.81 -18.92
C LYS B 193 -9.26 14.79 -18.07
N ASN B 194 -8.29 14.27 -17.32
CA ASN B 194 -7.47 15.15 -16.49
C ASN B 194 -6.63 16.08 -17.33
N TYR B 195 -6.25 15.66 -18.53
CA TYR B 195 -5.51 16.52 -19.44
C TYR B 195 -6.44 17.36 -20.34
N GLY B 196 -7.74 17.45 -20.00
CA GLY B 196 -8.65 18.41 -20.62
C GLY B 196 -9.38 17.93 -21.87
N VAL B 197 -9.37 16.64 -22.16
CA VAL B 197 -10.13 16.04 -23.27
C VAL B 197 -11.56 15.82 -22.79
N ASP B 198 -12.58 16.22 -23.58
CA ASP B 198 -13.94 15.73 -23.34
C ASP B 198 -13.99 14.21 -23.51
N VAL B 199 -14.52 13.48 -22.53
CA VAL B 199 -14.47 12.03 -22.60
C VAL B 199 -15.87 11.46 -22.39
N THR B 200 -16.29 10.58 -23.30
CA THR B 200 -17.48 9.76 -23.15
C THR B 200 -17.08 8.31 -23.19
N ILE B 201 -17.58 7.52 -22.26
CA ILE B 201 -17.30 6.09 -22.21
C ILE B 201 -18.62 5.35 -22.37
N VAL B 202 -18.63 4.37 -23.25
CA VAL B 202 -19.86 3.70 -23.63
C VAL B 202 -19.71 2.23 -23.28
N GLU B 203 -20.63 1.71 -22.48
CA GLU B 203 -20.54 0.34 -21.96
C GLU B 203 -21.86 -0.35 -22.24
N PHE B 204 -21.76 -1.58 -22.73
CA PHE B 204 -22.91 -2.39 -23.10
C PHE B 204 -23.62 -2.94 -21.86
N LEU B 205 -22.85 -3.43 -20.88
CA LEU B 205 -23.42 -3.93 -19.64
C LEU B 205 -23.93 -2.76 -18.79
N PRO B 206 -24.78 -3.03 -17.80
CA PRO B 206 -25.42 -1.92 -17.10
C PRO B 206 -24.57 -1.22 -16.03
N ARG B 207 -23.29 -1.56 -15.87
CA ARG B 207 -22.40 -0.94 -14.89
C ARG B 207 -21.03 -0.75 -15.52
N ALA B 208 -20.35 0.35 -15.21
CA ALA B 208 -18.92 0.38 -15.51
C ALA B 208 -18.18 -0.63 -14.62
N LEU B 209 -16.99 -1.05 -15.10
CA LEU B 209 -16.21 -2.12 -14.50
C LEU B 209 -17.14 -3.28 -14.15
N PRO B 210 -17.86 -3.82 -15.15
CA PRO B 210 -18.87 -4.83 -14.86
C PRO B 210 -18.34 -6.13 -14.28
N ASN B 211 -17.04 -6.42 -14.38
CA ASN B 211 -16.53 -7.58 -13.67
C ASN B 211 -16.42 -7.38 -12.18
N GLU B 212 -16.47 -6.12 -11.71
CA GLU B 212 -16.26 -5.90 -10.30
C GLU B 212 -17.55 -6.17 -9.50
N ASP B 213 -17.43 -6.06 -8.18
CA ASP B 213 -18.61 -6.09 -7.33
C ASP B 213 -19.47 -4.85 -7.60
N ALA B 214 -20.80 -5.03 -7.63
CA ALA B 214 -21.64 -3.91 -8.08
C ALA B 214 -21.46 -2.68 -7.19
N ASP B 215 -21.19 -2.87 -5.90
CA ASP B 215 -20.93 -1.70 -5.03
C ASP B 215 -19.71 -0.92 -5.49
N VAL B 216 -18.70 -1.63 -6.00
CA VAL B 216 -17.50 -0.98 -6.53
C VAL B 216 -17.82 -0.22 -7.82
N SER B 217 -18.55 -0.87 -8.74
CA SER B 217 -18.99 -0.18 -9.97
C SER B 217 -19.73 1.10 -9.65
N LYS B 218 -20.63 1.05 -8.66
CA LYS B 218 -21.40 2.25 -8.31
C LYS B 218 -20.48 3.37 -7.85
N GLU B 219 -19.46 3.04 -7.01
CA GLU B 219 -18.58 4.07 -6.50
C GLU B 219 -17.73 4.66 -7.62
N ILE B 220 -17.21 3.82 -8.51
CA ILE B 220 -16.33 4.37 -9.53
C ILE B 220 -17.13 5.21 -10.52
N GLU B 221 -18.37 4.81 -10.82
CA GLU B 221 -19.25 5.66 -11.63
C GLU B 221 -19.41 7.04 -11.00
N LYS B 222 -19.68 7.07 -9.72
CA LYS B 222 -19.85 8.34 -9.02
C LYS B 222 -18.58 9.19 -9.13
N GLN B 223 -17.41 8.56 -8.89
CA GLN B 223 -16.16 9.32 -8.93
C GLN B 223 -15.88 9.85 -10.33
N PHE B 224 -16.14 9.04 -11.37
CA PHE B 224 -15.89 9.52 -12.74
C PHE B 224 -16.86 10.63 -13.15
N LYS B 225 -18.11 10.53 -12.73
CA LYS B 225 -19.05 11.65 -12.95
C LYS B 225 -18.53 12.93 -12.32
N LYS B 226 -18.02 12.85 -11.08
CA LYS B 226 -17.45 14.04 -10.41
C LYS B 226 -16.23 14.56 -11.15
N LEU B 227 -15.43 13.67 -11.76
CA LEU B 227 -14.33 14.10 -12.61
C LEU B 227 -14.79 14.79 -13.89
N GLY B 228 -16.04 14.61 -14.30
CA GLY B 228 -16.58 15.19 -15.55
C GLY B 228 -16.55 14.25 -16.74
N VAL B 229 -16.38 12.95 -16.51
CA VAL B 229 -16.48 11.92 -17.54
C VAL B 229 -17.95 11.51 -17.67
N THR B 230 -18.46 11.48 -18.91
CA THR B 230 -19.79 10.94 -19.17
C THR B 230 -19.68 9.44 -19.41
N ILE B 231 -20.38 8.65 -18.59
CA ILE B 231 -20.41 7.21 -18.79
C ILE B 231 -21.83 6.85 -19.19
N LEU B 232 -21.98 6.16 -20.31
CA LEU B 232 -23.28 5.68 -20.78
C LEU B 232 -23.28 4.18 -20.64
N THR B 233 -24.09 3.64 -19.72
CA THR B 233 -24.12 2.20 -19.51
C THR B 233 -25.37 1.64 -20.19
N ALA B 234 -25.46 0.32 -20.29
CA ALA B 234 -26.57 -0.33 -20.98
C ALA B 234 -26.75 0.27 -22.38
N THR B 235 -25.63 0.53 -23.04
CA THR B 235 -25.61 1.22 -24.33
C THR B 235 -24.75 0.40 -25.28
N LYS B 236 -25.33 0.02 -26.43
CA LYS B 236 -24.65 -0.81 -27.43
C LYS B 236 -24.10 0.05 -28.55
N VAL B 237 -22.81 -0.08 -28.86
CA VAL B 237 -22.23 0.58 -30.03
C VAL B 237 -22.64 -0.19 -31.28
N GLU B 238 -23.36 0.47 -32.18
CA GLU B 238 -23.90 -0.16 -33.40
C GLU B 238 -22.96 0.05 -34.57
N SER B 239 -22.36 1.22 -34.65
CA SER B 239 -21.45 1.45 -35.76
C SER B 239 -20.58 2.64 -35.44
N ILE B 240 -19.42 2.67 -36.10
CA ILE B 240 -18.44 3.72 -35.96
C ILE B 240 -18.06 4.22 -37.34
N ALA B 241 -18.31 5.50 -37.60
CA ALA B 241 -18.01 6.08 -38.90
C ALA B 241 -16.97 7.19 -38.76
N ASP B 242 -15.79 6.95 -39.31
CA ASP B 242 -14.76 7.97 -39.32
C ASP B 242 -15.02 8.93 -40.48
N GLY B 243 -15.46 10.14 -40.17
CA GLY B 243 -15.65 11.16 -41.18
C GLY B 243 -14.49 12.12 -41.36
N GLY B 244 -13.31 11.80 -40.83
CA GLY B 244 -12.17 12.68 -41.01
C GLY B 244 -12.07 13.81 -39.99
N SER B 245 -12.94 14.81 -40.08
CA SER B 245 -12.97 15.90 -39.11
C SER B 245 -13.76 15.56 -37.85
N GLN B 246 -14.55 14.48 -37.87
CA GLN B 246 -15.22 13.95 -36.70
C GLN B 246 -15.48 12.47 -36.90
N VAL B 247 -15.67 11.77 -35.78
CA VAL B 247 -16.08 10.38 -35.79
C VAL B 247 -17.48 10.35 -35.24
N THR B 248 -18.37 9.59 -35.91
CA THR B 248 -19.76 9.44 -35.47
C THR B 248 -19.96 8.02 -34.97
N VAL B 249 -20.37 7.89 -33.72
CA VAL B 249 -20.65 6.59 -33.10
C VAL B 249 -22.17 6.46 -32.97
N THR B 250 -22.76 5.45 -33.63
CA THR B 250 -24.19 5.19 -33.48
C THR B 250 -24.39 4.17 -32.38
N VAL B 251 -25.26 4.49 -31.42
CA VAL B 251 -25.49 3.62 -30.27
C VAL B 251 -26.97 3.39 -30.10
N THR B 252 -27.29 2.31 -29.39
CA THR B 252 -28.66 2.11 -28.95
C THR B 252 -28.70 2.18 -27.44
N LYS B 253 -29.57 3.01 -26.92
CA LYS B 253 -29.75 3.13 -25.49
C LYS B 253 -31.23 3.33 -25.24
N ASP B 254 -31.78 2.58 -24.29
CA ASP B 254 -33.21 2.63 -23.99
C ASP B 254 -34.03 2.27 -25.24
N GLY B 255 -33.51 1.35 -26.06
CA GLY B 255 -34.14 0.94 -27.31
C GLY B 255 -34.21 2.01 -28.39
N VAL B 256 -33.44 3.09 -28.28
CA VAL B 256 -33.48 4.20 -29.22
C VAL B 256 -32.09 4.44 -29.80
N ALA B 257 -31.99 4.47 -31.13
CA ALA B 257 -30.70 4.76 -31.75
C ALA B 257 -30.38 6.26 -31.62
N GLN B 258 -29.10 6.57 -31.37
CA GLN B 258 -28.66 7.94 -31.12
C GLN B 258 -27.23 8.06 -31.63
N GLU B 259 -26.84 9.26 -32.05
CA GLU B 259 -25.49 9.49 -32.55
C GLU B 259 -24.68 10.22 -31.48
N LEU B 260 -23.44 9.79 -31.29
CA LEU B 260 -22.47 10.55 -30.49
C LEU B 260 -21.35 10.98 -31.42
N LYS B 261 -20.80 12.18 -31.23
CA LYS B 261 -19.69 12.61 -32.09
C LYS B 261 -18.48 12.99 -31.24
N ALA B 262 -17.28 12.70 -31.74
CA ALA B 262 -16.04 13.12 -31.09
C ALA B 262 -14.96 13.18 -32.17
N GLU B 263 -13.80 13.74 -31.81
CA GLU B 263 -12.70 13.74 -32.77
C GLU B 263 -12.11 12.37 -32.95
N LYS B 264 -12.18 11.53 -31.92
CA LYS B 264 -11.46 10.29 -31.92
C LYS B 264 -12.32 9.24 -31.21
N VAL B 265 -12.04 7.98 -31.50
CA VAL B 265 -12.70 6.85 -30.88
C VAL B 265 -11.65 5.84 -30.47
N LEU B 266 -11.70 5.41 -29.19
CA LEU B 266 -10.83 4.35 -28.71
C LEU B 266 -11.67 3.08 -28.58
N GLN B 267 -11.24 2.03 -29.26
CA GLN B 267 -11.86 0.71 -29.17
C GLN B 267 -11.20 -0.06 -28.01
N ALA B 268 -11.93 -0.32 -26.94
CA ALA B 268 -11.37 -1.06 -25.81
C ALA B 268 -12.38 -2.06 -25.25
N ILE B 269 -13.02 -2.85 -26.13
CA ILE B 269 -14.09 -3.73 -25.64
C ILE B 269 -13.60 -5.10 -25.18
N GLY B 270 -12.33 -5.42 -25.38
CA GLY B 270 -11.77 -6.66 -24.86
C GLY B 270 -10.65 -7.14 -25.78
N PHE B 271 -10.12 -8.30 -25.46
CA PHE B 271 -8.92 -8.82 -26.13
C PHE B 271 -9.12 -10.27 -26.52
N ALA B 272 -8.73 -10.61 -27.76
CA ALA B 272 -8.85 -11.99 -28.23
C ALA B 272 -7.47 -12.64 -28.32
N PRO B 273 -7.30 -13.84 -27.77
CA PRO B 273 -6.04 -14.57 -27.90
C PRO B 273 -5.49 -14.62 -29.33
N ASN B 274 -4.18 -14.48 -29.44
CA ASN B 274 -3.50 -14.57 -30.73
C ASN B 274 -3.35 -16.06 -31.04
N VAL B 275 -4.20 -16.58 -31.94
CA VAL B 275 -4.14 -18.01 -32.26
C VAL B 275 -4.05 -18.30 -33.76
N GLU B 276 -4.11 -17.26 -34.59
CA GLU B 276 -4.11 -17.47 -36.03
C GLU B 276 -2.77 -17.10 -36.62
N GLY B 277 -2.31 -17.89 -37.61
CA GLY B 277 -1.25 -17.44 -38.47
C GLY B 277 0.14 -17.90 -38.11
N TYR B 278 0.30 -18.80 -37.15
CA TYR B 278 1.62 -19.27 -36.80
C TYR B 278 1.62 -20.78 -36.62
N GLY B 279 0.77 -21.47 -37.36
CA GLY B 279 0.81 -22.92 -37.39
C GLY B 279 0.42 -23.64 -36.13
N LEU B 280 -0.51 -23.11 -35.32
CA LEU B 280 -1.01 -23.91 -34.22
C LEU B 280 -1.55 -25.26 -34.71
N ASP B 281 -2.14 -25.28 -35.89
CA ASP B 281 -2.70 -26.50 -36.45
C ASP B 281 -1.61 -27.52 -36.80
N LYS B 282 -0.43 -27.04 -37.26
CA LYS B 282 0.65 -27.98 -37.57
C LYS B 282 1.21 -28.59 -36.31
N ALA B 283 1.15 -27.89 -35.18
CA ALA B 283 1.56 -28.48 -33.92
C ALA B 283 0.49 -29.39 -33.33
N GLY B 284 -0.72 -29.33 -33.81
CA GLY B 284 -1.77 -30.15 -33.24
C GLY B 284 -2.48 -29.55 -32.03
N VAL B 285 -2.29 -28.26 -31.77
CA VAL B 285 -2.73 -27.63 -30.53
C VAL B 285 -4.20 -27.21 -30.64
N ALA B 286 -5.01 -27.65 -29.71
CA ALA B 286 -6.47 -27.42 -29.71
C ALA B 286 -6.86 -26.12 -29.04
N LEU B 287 -7.84 -25.44 -29.63
CA LEU B 287 -8.47 -24.24 -29.10
C LEU B 287 -9.74 -24.57 -28.34
N THR B 288 -10.07 -23.73 -27.35
CA THR B 288 -11.37 -23.84 -26.69
C THR B 288 -12.46 -23.27 -27.58
N ASP B 289 -13.70 -23.42 -27.12
CA ASP B 289 -14.80 -22.89 -27.92
C ASP B 289 -14.72 -21.38 -28.04
N ARG B 290 -14.06 -20.72 -27.08
CA ARG B 290 -13.87 -19.27 -27.10
C ARG B 290 -12.65 -18.85 -27.91
N LYS B 291 -12.01 -19.80 -28.61
CA LYS B 291 -10.84 -19.52 -29.45
C LYS B 291 -9.67 -19.00 -28.61
N ALA B 292 -9.52 -19.57 -27.42
CA ALA B 292 -8.28 -19.53 -26.67
C ALA B 292 -7.58 -20.89 -26.74
N ILE B 293 -6.28 -20.91 -26.47
CA ILE B 293 -5.60 -22.21 -26.39
C ILE B 293 -6.01 -22.91 -25.09
N GLY B 294 -6.64 -24.08 -25.21
CA GLY B 294 -6.98 -24.86 -24.02
C GLY B 294 -5.74 -25.31 -23.26
N VAL B 295 -5.81 -25.28 -21.92
CA VAL B 295 -4.75 -25.75 -21.05
C VAL B 295 -5.37 -26.45 -19.84
N ASP B 296 -4.55 -27.26 -19.17
CA ASP B 296 -4.90 -27.88 -17.91
C ASP B 296 -4.29 -27.01 -16.80
N ASP B 297 -4.30 -27.50 -15.57
CA ASP B 297 -3.85 -26.68 -14.44
C ASP B 297 -2.33 -26.45 -14.45
N TYR B 298 -1.58 -27.25 -15.21
CA TYR B 298 -0.14 -27.09 -15.30
C TYR B 298 0.26 -26.33 -16.57
N MET B 299 -0.72 -25.73 -17.25
CA MET B 299 -0.57 -24.90 -18.44
C MET B 299 -0.27 -25.76 -19.69
N ARG B 300 -0.51 -27.06 -19.59
CA ARG B 300 -0.27 -28.01 -20.69
CA ARG B 300 -0.26 -28.00 -20.69
C ARG B 300 -1.40 -27.94 -21.71
N THR B 301 -1.05 -27.86 -22.98
CA THR B 301 -2.10 -27.99 -23.99
C THR B 301 -2.43 -29.49 -24.16
N ASN B 302 -3.26 -29.83 -25.15
CA ASN B 302 -3.53 -31.23 -25.47
C ASN B 302 -2.30 -31.95 -26.03
N VAL B 303 -1.30 -31.21 -26.49
CA VAL B 303 0.00 -31.76 -26.82
C VAL B 303 0.90 -31.64 -25.59
N GLY B 304 1.29 -32.79 -25.04
CA GLY B 304 1.91 -32.90 -23.73
C GLY B 304 3.18 -32.09 -23.50
N HIS B 305 3.92 -31.75 -24.55
CA HIS B 305 5.17 -31.01 -24.31
C HIS B 305 5.06 -29.57 -24.78
N ILE B 306 3.86 -29.12 -25.12
CA ILE B 306 3.60 -27.76 -25.55
C ILE B 306 2.69 -27.10 -24.52
N TYR B 307 3.14 -25.97 -23.99
CA TYR B 307 2.41 -25.25 -22.94
C TYR B 307 1.88 -23.93 -23.49
N ALA B 308 0.85 -23.34 -22.83
CA ALA B 308 0.38 -22.03 -23.29
C ALA B 308 0.08 -21.15 -22.07
N ILE B 309 0.74 -19.99 -21.98
CA ILE B 309 0.71 -19.17 -20.77
C ILE B 309 0.31 -17.75 -21.17
N GLY B 310 -0.17 -16.97 -20.17
CA GLY B 310 -0.51 -15.60 -20.47
C GLY B 310 -1.81 -15.43 -21.23
N ASP B 311 -1.92 -14.27 -21.87
CA ASP B 311 -3.23 -13.88 -22.35
C ASP B 311 -3.74 -14.89 -23.37
N VAL B 312 -2.82 -15.65 -24.00
CA VAL B 312 -3.30 -16.53 -25.09
C VAL B 312 -4.20 -17.64 -24.58
N ASN B 313 -4.12 -18.02 -23.30
CA ASN B 313 -5.08 -19.03 -22.85
C ASN B 313 -6.37 -18.40 -22.34
N GLY B 314 -6.46 -17.06 -22.31
CA GLY B 314 -7.69 -16.38 -21.97
C GLY B 314 -8.21 -16.54 -20.54
N LEU B 315 -7.45 -17.12 -19.61
CA LEU B 315 -7.98 -17.39 -18.27
C LEU B 315 -8.19 -16.08 -17.50
N LEU B 316 -7.18 -15.22 -17.49
CA LEU B 316 -7.25 -13.95 -16.73
C LEU B 316 -6.15 -13.09 -17.33
N GLN B 317 -6.52 -12.20 -18.24
CA GLN B 317 -5.54 -11.57 -19.13
C GLN B 317 -4.80 -10.42 -18.40
N LEU B 318 -3.91 -10.79 -17.49
CA LEU B 318 -3.09 -9.83 -16.74
C LEU B 318 -1.64 -10.26 -16.66
N ALA B 319 -0.75 -9.29 -16.43
CA ALA B 319 0.69 -9.55 -16.47
C ALA B 319 1.15 -10.49 -15.35
N HIS B 320 0.66 -10.28 -14.12
CA HIS B 320 1.13 -11.13 -13.03
C HIS B 320 0.59 -12.55 -13.17
N VAL B 321 -0.57 -12.70 -13.83
CA VAL B 321 -1.08 -14.02 -14.13
C VAL B 321 -0.18 -14.70 -15.16
N ALA B 322 0.13 -14.01 -16.26
CA ALA B 322 1.08 -14.55 -17.25
C ALA B 322 2.41 -14.97 -16.62
N GLU B 323 3.00 -14.12 -15.77
CA GLU B 323 4.25 -14.50 -15.12
C GLU B 323 4.07 -15.77 -14.30
N ALA B 324 3.02 -15.80 -13.49
CA ALA B 324 2.83 -16.95 -12.61
C ALA B 324 2.59 -18.23 -13.41
N GLN B 325 1.84 -18.10 -14.50
CA GLN B 325 1.63 -19.28 -15.37
C GLN B 325 2.95 -19.72 -16.02
N GLY B 326 3.79 -18.77 -16.41
CA GLY B 326 5.12 -19.11 -16.94
C GLY B 326 5.98 -19.86 -15.94
N VAL B 327 5.93 -19.45 -14.66
CA VAL B 327 6.66 -20.22 -13.66
C VAL B 327 6.11 -21.65 -13.57
N VAL B 328 4.79 -21.80 -13.55
CA VAL B 328 4.21 -23.14 -13.42
C VAL B 328 4.66 -24.02 -14.60
N ALA B 329 4.58 -23.48 -15.82
CA ALA B 329 4.97 -24.27 -17.00
C ALA B 329 6.44 -24.66 -16.93
N ALA B 330 7.36 -23.71 -16.69
CA ALA B 330 8.78 -24.03 -16.60
C ALA B 330 9.06 -25.08 -15.51
N GLU B 331 8.41 -24.94 -14.35
CA GLU B 331 8.65 -25.89 -13.26
C GLU B 331 8.12 -27.27 -13.62
N THR B 332 6.99 -27.33 -14.33
CA THR B 332 6.40 -28.59 -14.74
C THR B 332 7.25 -29.30 -15.79
N ILE B 333 7.74 -28.54 -16.77
CA ILE B 333 8.70 -29.08 -17.73
C ILE B 333 9.89 -29.69 -17.01
N ALA B 334 10.49 -28.95 -16.08
CA ALA B 334 11.70 -29.42 -15.42
C ALA B 334 11.45 -30.57 -14.44
N GLY B 335 10.19 -30.94 -14.19
CA GLY B 335 9.91 -31.85 -13.09
C GLY B 335 10.27 -31.33 -11.72
N ALA B 336 10.14 -30.02 -11.49
CA ALA B 336 10.40 -29.42 -10.20
C ALA B 336 9.11 -29.21 -9.41
N GLU B 337 9.27 -29.05 -8.11
CA GLU B 337 8.10 -28.83 -7.27
C GLU B 337 7.44 -27.53 -7.72
N THR B 338 6.14 -27.62 -7.99
CA THR B 338 5.33 -26.48 -8.39
C THR B 338 4.05 -26.47 -7.58
N LEU B 339 3.27 -25.41 -7.73
CA LEU B 339 1.92 -25.33 -7.18
C LEU B 339 1.04 -24.66 -8.22
N THR B 340 -0.05 -25.32 -8.57
CA THR B 340 -0.94 -24.79 -9.58
C THR B 340 -1.73 -23.60 -9.02
N LEU B 341 -2.32 -22.84 -9.94
CA LEU B 341 -2.99 -21.60 -9.54
C LEU B 341 -4.42 -21.83 -9.10
N GLY B 342 -5.03 -22.95 -9.48
CA GLY B 342 -6.40 -23.18 -9.03
C GLY B 342 -7.43 -22.38 -9.81
N ASP B 343 -8.50 -21.99 -9.12
CA ASP B 343 -9.54 -21.14 -9.67
C ASP B 343 -8.97 -19.74 -9.96
N HIS B 344 -8.86 -19.38 -11.24
CA HIS B 344 -8.26 -18.09 -11.58
C HIS B 344 -9.10 -16.92 -11.11
N ARG B 345 -10.38 -17.16 -10.76
CA ARG B 345 -11.17 -16.09 -10.14
C ARG B 345 -10.59 -15.62 -8.82
N MET B 346 -9.79 -16.43 -8.13
CA MET B 346 -9.24 -16.06 -6.85
C MET B 346 -8.01 -15.17 -7.00
N LEU B 347 -7.47 -14.99 -8.23
CA LEU B 347 -6.27 -14.20 -8.41
C LEU B 347 -6.59 -12.70 -8.28
N PRO B 348 -5.61 -11.91 -7.85
CA PRO B 348 -5.84 -10.48 -7.59
C PRO B 348 -5.79 -9.70 -8.90
N ARG B 349 -6.40 -8.51 -8.88
CA ARG B 349 -6.39 -7.62 -10.05
C ARG B 349 -6.66 -6.19 -9.57
N ALA B 350 -6.24 -5.19 -10.35
CA ALA B 350 -6.51 -3.80 -9.94
C ALA B 350 -6.63 -2.89 -11.15
N THR B 351 -7.31 -1.75 -10.95
CA THR B 351 -7.43 -0.70 -11.95
C THR B 351 -6.85 0.57 -11.34
N PHE B 352 -6.03 1.31 -12.10
CA PHE B 352 -5.11 2.28 -11.52
C PHE B 352 -5.47 3.73 -11.85
N CYS B 353 -6.72 3.98 -12.22
CA CYS B 353 -7.23 5.33 -12.01
C CYS B 353 -7.20 5.67 -10.52
N GLN B 354 -7.57 6.91 -10.19
CA GLN B 354 -7.70 7.27 -8.78
CA GLN B 354 -7.69 7.27 -8.78
C GLN B 354 -9.15 7.62 -8.56
N PRO B 355 -9.85 6.98 -7.59
CA PRO B 355 -9.31 5.98 -6.66
C PRO B 355 -9.03 4.70 -7.45
N ASN B 356 -8.09 3.94 -6.93
CA ASN B 356 -7.84 2.60 -7.43
C ASN B 356 -9.05 1.71 -7.17
N VAL B 357 -9.14 0.63 -7.94
CA VAL B 357 -10.06 -0.46 -7.65
C VAL B 357 -9.16 -1.69 -7.51
N ALA B 358 -9.39 -2.53 -6.51
CA ALA B 358 -8.53 -3.70 -6.39
C ALA B 358 -9.43 -4.82 -5.88
N SER B 359 -9.32 -6.00 -6.47
CA SER B 359 -10.25 -7.04 -6.03
C SER B 359 -9.60 -8.41 -6.23
N PHE B 360 -10.17 -9.41 -5.55
CA PHE B 360 -9.83 -10.80 -5.82
C PHE B 360 -11.07 -11.64 -5.52
N GLY B 361 -11.13 -12.83 -6.09
CA GLY B 361 -12.25 -13.73 -5.76
C GLY B 361 -13.63 -13.33 -6.24
N LEU B 362 -14.64 -13.83 -5.51
CA LEU B 362 -16.04 -13.71 -5.89
C LEU B 362 -16.62 -12.41 -5.37
N THR B 363 -17.47 -11.79 -6.18
CA THR B 363 -18.32 -10.71 -5.71
C THR B 363 -19.33 -11.29 -4.73
N GLU B 364 -19.96 -10.39 -3.96
CA GLU B 364 -20.97 -10.85 -3.01
C GLU B 364 -22.07 -11.60 -3.76
N GLN B 365 -22.55 -11.01 -4.87
CA GLN B 365 -23.62 -11.64 -5.64
C GLN B 365 -23.18 -12.99 -6.22
N GLN B 366 -21.94 -13.11 -6.70
CA GLN B 366 -21.46 -14.40 -7.20
C GLN B 366 -21.43 -15.43 -6.09
N ALA B 367 -20.93 -15.07 -4.90
CA ALA B 367 -20.87 -16.04 -3.83
C ALA B 367 -22.26 -16.51 -3.42
N ARG B 368 -23.23 -15.58 -3.35
CA ARG B 368 -24.60 -15.97 -3.03
C ARG B 368 -25.15 -16.90 -4.11
N ASN B 369 -24.99 -16.54 -5.38
CA ASN B 369 -25.49 -17.38 -6.47
C ASN B 369 -24.87 -18.77 -6.47
N GLU B 370 -23.63 -18.92 -6.00
CA GLU B 370 -22.98 -20.22 -5.97
C GLU B 370 -23.25 -20.99 -4.69
N GLY B 371 -24.15 -20.51 -3.84
CA GLY B 371 -24.58 -21.30 -2.70
C GLY B 371 -23.74 -21.25 -1.44
N TYR B 372 -22.76 -20.34 -1.34
CA TYR B 372 -22.07 -20.16 -0.08
C TYR B 372 -23.00 -19.52 0.96
N ASP B 373 -22.71 -19.79 2.22
CA ASP B 373 -23.36 -19.09 3.34
C ASP B 373 -22.62 -17.77 3.56
N VAL B 374 -23.08 -16.70 2.92
CA VAL B 374 -22.24 -15.52 2.72
C VAL B 374 -22.28 -14.60 3.93
N VAL B 375 -21.10 -14.18 4.40
CA VAL B 375 -20.96 -13.08 5.36
C VAL B 375 -20.25 -11.92 4.67
N VAL B 376 -20.65 -10.67 4.94
CA VAL B 376 -20.05 -9.49 4.31
C VAL B 376 -19.64 -8.50 5.39
N ALA B 377 -18.47 -7.88 5.24
CA ALA B 377 -18.07 -6.76 6.10
C ALA B 377 -17.60 -5.64 5.18
N LYS B 378 -18.07 -4.43 5.46
CA LYS B 378 -17.71 -3.30 4.63
C LYS B 378 -17.28 -2.18 5.54
N PHE B 379 -16.07 -1.66 5.32
CA PHE B 379 -15.56 -0.56 6.15
C PHE B 379 -15.25 0.64 5.24
N PRO B 380 -15.80 1.81 5.48
CA PRO B 380 -15.55 2.94 4.60
C PRO B 380 -14.31 3.72 5.01
N PHE B 381 -13.63 4.28 4.00
CA PHE B 381 -12.42 5.04 4.34
C PHE B 381 -12.74 6.35 5.03
N THR B 382 -14.01 6.77 5.10
CA THR B 382 -14.29 7.96 5.94
C THR B 382 -14.05 7.69 7.44
N ALA B 383 -13.88 6.44 7.84
CA ALA B 383 -13.56 6.07 9.21
C ALA B 383 -12.09 5.68 9.36
N ASN B 384 -11.25 6.01 8.38
CA ASN B 384 -9.82 5.68 8.40
C ASN B 384 -9.03 6.96 8.57
N ALA B 385 -8.12 6.99 9.55
CA ALA B 385 -7.39 8.24 9.81
C ALA B 385 -6.47 8.62 8.66
N LYS B 386 -5.76 7.64 8.11
CA LYS B 386 -4.82 7.92 7.02
C LYS B 386 -5.54 8.48 5.80
N ALA B 387 -6.73 7.97 5.47
CA ALA B 387 -7.40 8.43 4.27
C ALA B 387 -7.78 9.91 4.40
N HIS B 388 -8.16 10.34 5.59
CA HIS B 388 -8.39 11.77 5.83
C HIS B 388 -7.10 12.56 5.74
N GLY B 389 -6.01 12.03 6.31
CA GLY B 389 -4.76 12.76 6.20
C GLY B 389 -4.29 12.94 4.77
N VAL B 390 -4.44 11.89 3.95
CA VAL B 390 -4.01 12.03 2.56
C VAL B 390 -4.93 12.94 1.78
N GLY B 391 -6.13 13.19 2.27
CA GLY B 391 -7.04 14.07 1.58
C GLY B 391 -8.07 13.38 0.71
N ASP B 392 -8.26 12.07 0.86
CA ASP B 392 -9.17 11.31 0.01
C ASP B 392 -9.82 10.21 0.84
N PRO B 393 -10.88 10.53 1.53
CA PRO B 393 -11.54 9.53 2.37
C PRO B 393 -12.63 8.78 1.61
N SER B 394 -12.60 8.79 0.28
CA SER B 394 -13.65 8.11 -0.47
C SER B 394 -13.44 6.59 -0.50
N GLY B 395 -14.52 5.88 -0.74
CA GLY B 395 -14.38 4.46 -0.99
C GLY B 395 -14.47 3.63 0.26
N PHE B 396 -14.15 2.36 0.09
CA PHE B 396 -14.33 1.37 1.15
C PHE B 396 -13.55 0.09 0.83
N VAL B 397 -13.52 -0.78 1.81
CA VAL B 397 -13.09 -2.17 1.66
C VAL B 397 -14.30 -3.04 1.94
N LYS B 398 -14.58 -3.99 1.04
CA LYS B 398 -15.68 -4.92 1.22
C LYS B 398 -15.16 -6.35 1.15
N LEU B 399 -15.34 -7.13 2.21
CA LEU B 399 -14.82 -8.50 2.22
C LEU B 399 -16.02 -9.43 2.24
N VAL B 400 -15.91 -10.55 1.55
CA VAL B 400 -16.98 -11.57 1.45
C VAL B 400 -16.39 -12.86 1.98
N ALA B 401 -17.06 -13.47 2.97
CA ALA B 401 -16.51 -14.67 3.60
C ALA B 401 -17.60 -15.73 3.70
N ASP B 402 -17.18 -16.97 3.84
CA ASP B 402 -18.14 -18.05 4.05
C ASP B 402 -18.34 -18.25 5.55
N ALA B 403 -19.59 -18.46 5.97
CA ALA B 403 -19.89 -18.41 7.41
C ALA B 403 -19.50 -19.69 8.16
N LYS B 404 -19.22 -20.81 7.48
CA LYS B 404 -18.81 -22.00 8.22
C LYS B 404 -17.61 -21.74 9.10
N HIS B 405 -16.52 -21.23 8.52
CA HIS B 405 -15.30 -20.99 9.28
C HIS B 405 -14.76 -19.58 9.12
N GLY B 406 -15.42 -18.75 8.34
CA GLY B 406 -14.89 -17.44 8.02
C GLY B 406 -13.77 -17.48 7.01
N GLU B 407 -13.78 -18.45 6.07
CA GLU B 407 -12.80 -18.43 4.99
C GLU B 407 -13.14 -17.31 4.00
N LEU B 408 -12.12 -16.65 3.45
CA LEU B 408 -12.39 -15.55 2.52
C LEU B 408 -12.85 -16.11 1.16
N LEU B 409 -13.88 -15.48 0.59
CA LEU B 409 -14.35 -15.77 -0.76
C LEU B 409 -14.00 -14.67 -1.72
N GLY B 410 -13.85 -13.43 -1.25
CA GLY B 410 -13.42 -12.38 -2.17
C GLY B 410 -13.24 -11.10 -1.37
N GLY B 411 -12.66 -10.12 -2.05
CA GLY B 411 -12.40 -8.83 -1.44
C GLY B 411 -12.45 -7.78 -2.51
N HIS B 412 -13.02 -6.61 -2.18
CA HIS B 412 -13.37 -5.60 -3.17
C HIS B 412 -13.08 -4.24 -2.58
N LEU B 413 -12.09 -3.57 -3.15
CA LEU B 413 -11.58 -2.33 -2.56
C LEU B 413 -11.68 -1.21 -3.58
N VAL B 414 -12.09 -0.02 -3.11
CA VAL B 414 -12.02 1.15 -3.97
C VAL B 414 -11.57 2.29 -3.07
N GLY B 415 -10.50 2.98 -3.44
CA GLY B 415 -10.01 4.06 -2.60
C GLY B 415 -8.61 4.44 -3.02
N HIS B 416 -8.01 5.33 -2.24
CA HIS B 416 -6.69 5.85 -2.60
C HIS B 416 -5.62 4.76 -2.50
N ASP B 417 -4.99 4.44 -3.65
CA ASP B 417 -3.85 3.52 -3.76
C ASP B 417 -4.15 2.12 -3.19
N VAL B 418 -5.41 1.66 -3.29
CA VAL B 418 -5.75 0.39 -2.64
C VAL B 418 -5.18 -0.82 -3.37
N ALA B 419 -4.57 -0.61 -4.53
CA ALA B 419 -4.02 -1.79 -5.20
C ALA B 419 -2.91 -2.45 -4.38
N GLU B 420 -2.28 -1.72 -3.47
CA GLU B 420 -1.19 -2.29 -2.69
C GLU B 420 -1.68 -3.16 -1.54
N LEU B 421 -2.99 -3.22 -1.30
CA LEU B 421 -3.53 -3.82 -0.10
C LEU B 421 -3.98 -5.28 -0.27
N LEU B 422 -3.92 -5.83 -1.48
CA LEU B 422 -4.39 -7.19 -1.72
C LEU B 422 -3.51 -8.31 -1.13
N PRO B 423 -2.16 -8.16 -0.92
CA PRO B 423 -1.34 -9.39 -0.65
C PRO B 423 -1.78 -10.17 0.58
N GLU B 424 -2.08 -9.48 1.68
CA GLU B 424 -2.49 -10.20 2.89
C GLU B 424 -3.77 -11.00 2.65
N LEU B 425 -4.67 -10.47 1.82
CA LEU B 425 -5.95 -11.17 1.60
C LEU B 425 -5.77 -12.42 0.75
N THR B 426 -5.04 -12.32 -0.37
CA THR B 426 -4.79 -13.54 -1.18
C THR B 426 -3.89 -14.52 -0.46
N LEU B 427 -2.98 -14.06 0.42
CA LEU B 427 -2.17 -15.01 1.16
C LEU B 427 -3.06 -15.84 2.10
N ALA B 428 -3.94 -15.17 2.81
CA ALA B 428 -4.88 -15.87 3.70
C ALA B 428 -5.77 -16.82 2.89
N GLN B 429 -6.32 -16.37 1.77
CA GLN B 429 -7.22 -17.25 1.01
C GLN B 429 -6.47 -18.51 0.53
N ARG B 430 -5.25 -18.33 0.04
CA ARG B 430 -4.51 -19.43 -0.56
C ARG B 430 -4.09 -20.45 0.48
N TRP B 431 -3.74 -20.00 1.69
CA TRP B 431 -3.18 -20.89 2.70
C TRP B 431 -4.16 -21.13 3.85
N ASP B 432 -5.44 -20.87 3.62
CA ASP B 432 -6.54 -21.28 4.49
C ASP B 432 -6.50 -20.61 5.86
N LEU B 433 -6.07 -19.35 5.93
CA LEU B 433 -6.22 -18.57 7.17
C LEU B 433 -7.60 -17.89 7.14
N THR B 434 -8.33 -17.95 8.25
CA THR B 434 -9.69 -17.44 8.27
C THR B 434 -9.72 -16.03 8.86
N ALA B 435 -10.90 -15.42 8.78
CA ALA B 435 -11.07 -14.09 9.38
C ALA B 435 -10.62 -14.07 10.84
N SER B 436 -10.72 -15.20 11.57
CA SER B 436 -10.33 -15.22 12.98
C SER B 436 -8.82 -15.07 13.14
N GLU B 437 -8.04 -15.66 12.22
CA GLU B 437 -6.60 -15.48 12.24
C GLU B 437 -6.22 -14.09 11.72
N LEU B 438 -6.90 -13.61 10.67
CA LEU B 438 -6.59 -12.33 10.08
C LEU B 438 -6.85 -11.21 11.09
N ALA B 439 -7.97 -11.27 11.84
CA ALA B 439 -8.30 -10.20 12.81
C ALA B 439 -7.23 -10.07 13.90
N ARG B 440 -6.37 -11.09 14.12
CA ARG B 440 -5.33 -10.97 15.13
C ARG B 440 -4.04 -10.35 14.59
N ASN B 441 -3.97 -10.11 13.28
CA ASN B 441 -2.78 -9.52 12.68
C ASN B 441 -2.84 -7.99 12.88
N VAL B 442 -1.87 -7.45 13.64
CA VAL B 442 -1.88 -6.03 13.99
C VAL B 442 -1.42 -5.22 12.79
N HIS B 443 -2.22 -4.22 12.38
CA HIS B 443 -1.92 -3.37 11.24
C HIS B 443 -1.46 -2.01 11.74
N THR B 444 -0.38 -1.51 11.17
CA THR B 444 0.25 -0.25 11.55
C THR B 444 -0.74 0.91 11.46
N HIS B 445 -0.62 1.88 12.39
CA HIS B 445 -1.44 3.08 12.35
C HIS B 445 -0.58 4.28 12.05
N PRO B 446 -1.09 5.25 11.26
CA PRO B 446 -2.32 5.26 10.48
C PRO B 446 -2.07 4.82 9.08
N THR B 447 -2.75 3.76 8.64
CA THR B 447 -2.53 3.29 7.25
C THR B 447 -3.87 2.96 6.65
N MET B 448 -3.93 2.96 5.31
CA MET B 448 -5.14 2.51 4.63
C MET B 448 -5.40 1.07 5.00
N SER B 449 -4.33 0.32 5.27
CA SER B 449 -4.47 -1.10 5.55
C SER B 449 -5.25 -1.39 6.83
N GLU B 450 -5.38 -0.45 7.76
CA GLU B 450 -6.22 -0.67 8.94
C GLU B 450 -7.66 -1.01 8.56
N ALA B 451 -8.12 -0.55 7.38
CA ALA B 451 -9.47 -0.88 6.93
C ALA B 451 -9.59 -2.37 6.70
N LEU B 452 -8.50 -3.05 6.31
CA LEU B 452 -8.57 -4.51 6.23
C LEU B 452 -8.86 -5.08 7.59
N GLN B 453 -8.11 -4.64 8.59
CA GLN B 453 -8.23 -5.27 9.90
C GLN B 453 -9.63 -5.03 10.48
N GLU B 454 -10.22 -3.83 10.29
CA GLU B 454 -11.60 -3.65 10.75
C GLU B 454 -12.57 -4.57 10.02
N CYS B 455 -12.35 -4.81 8.72
CA CYS B 455 -13.22 -5.77 8.03
C CYS B 455 -13.12 -7.16 8.65
N PHE B 456 -11.90 -7.60 9.02
CA PHE B 456 -11.74 -8.89 9.69
C PHE B 456 -12.55 -8.93 10.98
N HIS B 457 -12.44 -7.86 11.78
CA HIS B 457 -13.27 -7.79 13.00
C HIS B 457 -14.75 -7.95 12.69
N GLY B 458 -15.24 -7.25 11.68
CA GLY B 458 -16.65 -7.35 11.31
C GLY B 458 -17.07 -8.72 10.81
N LEU B 459 -16.15 -9.45 10.18
CA LEU B 459 -16.47 -10.83 9.76
C LEU B 459 -16.58 -11.76 10.96
N VAL B 460 -15.85 -11.52 12.05
CA VAL B 460 -15.83 -12.46 13.17
C VAL B 460 -16.69 -12.00 14.34
N GLY B 461 -17.07 -10.74 14.40
CA GLY B 461 -17.81 -10.25 15.54
C GLY B 461 -18.28 -8.85 15.23
N HIS B 462 -17.74 -7.87 15.92
CA HIS B 462 -18.10 -6.49 15.67
C HIS B 462 -16.87 -5.67 15.33
N MET B 463 -17.04 -4.71 14.42
CA MET B 463 -15.99 -3.75 14.12
C MET B 463 -15.72 -2.93 15.39
N ILE B 464 -14.54 -2.33 15.47
CA ILE B 464 -14.21 -1.52 16.65
C ILE B 464 -14.22 -0.04 16.36
N ASN B 465 -13.42 0.41 15.38
CA ASN B 465 -13.38 1.83 15.01
C ASN B 465 -14.48 2.21 14.02
N PHE B 466 -15.42 1.33 13.78
CA PHE B 466 -16.61 1.70 13.05
C PHE B 466 -17.83 1.42 13.88
PA FAD C . -2.31 8.63 24.85
O1A FAD C . -2.72 8.80 23.45
O2A FAD C . -1.13 9.43 25.33
O5B FAD C . -3.53 8.99 25.72
C5B FAD C . -3.39 8.96 27.16
C4B FAD C . -4.51 9.77 27.73
O4B FAD C . -4.55 9.53 29.16
C3B FAD C . -4.35 11.30 27.53
O3B FAD C . -5.42 11.80 26.71
C2B FAD C . -4.33 11.85 28.98
O2B FAD C . -5.01 13.10 29.12
C1B FAD C . -5.02 10.73 29.76
N9A FAD C . -4.67 10.67 31.18
C8A FAD C . -3.43 10.66 31.74
N7A FAD C . -3.44 10.50 33.05
C5A FAD C . -4.81 10.44 33.36
C6A FAD C . -5.50 10.31 34.58
N6A FAD C . -4.89 10.19 35.77
N1A FAD C . -6.88 10.32 34.53
C2A FAD C . -7.48 10.38 33.34
N3A FAD C . -6.91 10.49 32.12
C4A FAD C . -5.57 10.53 32.22
N1 FAD C . 1.96 6.33 16.87
C2 FAD C . 1.69 5.55 15.77
O2 FAD C . 1.34 4.37 15.90
N3 FAD C . 1.75 6.09 14.51
C4 FAD C . 2.05 7.42 14.22
O4 FAD C . 2.11 7.83 13.07
C4X FAD C . 2.34 8.23 15.37
N5 FAD C . 2.66 9.48 15.17
C5X FAD C . 2.92 10.27 16.29
C6 FAD C . 3.22 11.63 16.11
C7 FAD C . 3.43 12.45 17.21
C7M FAD C . 3.80 13.89 16.99
C8 FAD C . 3.39 11.91 18.50
C8M FAD C . 3.63 12.76 19.74
C9 FAD C . 3.04 10.57 18.69
C9A FAD C . 2.83 9.75 17.59
N10 FAD C . 2.52 8.38 17.74
C10 FAD C . 2.25 7.60 16.66
C1' FAD C . 2.44 7.77 19.07
C2' FAD C . 1.01 7.71 19.53
O2' FAD C . 0.53 9.06 19.66
C3' FAD C . 0.97 7.01 20.87
O3' FAD C . 1.62 5.73 20.80
C4' FAD C . -0.46 6.83 21.33
O4' FAD C . -1.11 8.10 21.48
C5' FAD C . -0.46 6.07 22.64
O5' FAD C . -1.82 5.85 23.01
P FAD C . -2.22 5.69 24.54
O1P FAD C . -3.69 5.34 24.60
O2P FAD C . -1.31 4.79 25.21
O3P FAD C . -2.01 7.13 25.20
C13 U4I D . 12.61 -5.41 -13.91
C15 U4I D . 12.00 -6.05 -16.23
C20 U4I D . 8.37 -6.29 -14.88
C21 U4I D . 7.50 -7.23 -14.36
C22 U4I D . 6.54 -7.97 -15.29
C24 U4I D . 8.37 -6.78 -12.16
C28 U4I D . 9.26 -5.83 -12.65
C01 U4I D . 21.46 -7.69 -10.70
C02 U4I D . 20.76 -6.57 -11.49
C05 U4I D . 18.70 -6.02 -12.98
C06 U4I D . 19.25 -5.05 -13.82
C07 U4I D . 18.42 -4.26 -14.62
C08 U4I D . 17.05 -4.42 -14.60
C09 U4I D . 16.51 -5.40 -13.78
C11 U4I D . 14.03 -4.98 -14.30
C19 U4I D . 9.23 -5.61 -14.02
C23 U4I D . 7.50 -7.46 -13.00
C25 U4I D . 8.33 -7.06 -10.68
C29 U4I D . 17.33 -6.18 -12.99
F26 U4I D . 8.11 -5.84 -10.05
F27 U4I D . 9.56 -7.51 -10.32
N04 U4I D . 19.52 -6.92 -12.14
N10 U4I D . 15.09 -5.66 -13.64
N14 U4I D . 11.82 -5.14 -15.09
O03 U4I D . 21.19 -5.44 -11.56
O12 U4I D . 14.21 -4.11 -15.09
O17 U4I D . 10.65 -3.35 -13.78
O18 U4I D . 9.66 -3.90 -15.92
S16 U4I D . 10.34 -4.40 -14.76
C1 GOL E . 6.48 -14.85 -10.78
O1 GOL E . 5.26 -15.23 -10.20
C2 GOL E . 6.73 -13.38 -10.41
O2 GOL E . 6.53 -13.20 -9.06
C3 GOL E . 8.21 -13.11 -10.76
O3 GOL E . 8.40 -11.68 -10.79
C1 GOL F . 3.08 10.55 3.52
O1 GOL F . 3.39 9.28 2.87
C2 GOL F . 1.74 10.30 4.34
O2 GOL F . 1.35 11.28 5.30
C3 GOL F . 0.64 10.29 3.31
O3 GOL F . -0.39 10.82 4.12
C1 GOL G . -22.30 -2.28 26.95
O1 GOL G . -23.57 -2.87 27.01
C2 GOL G . -22.39 -1.13 27.94
O2 GOL G . -23.33 -1.36 28.96
C3 GOL G . -20.93 -0.96 28.50
O3 GOL G . -20.94 0.12 29.41
C1 GOL H . -1.02 13.71 28.37
O1 GOL H . -2.00 14.62 28.85
C2 GOL H . -0.44 14.44 27.14
O2 GOL H . -1.28 15.47 26.71
C3 GOL H . 0.88 15.08 27.62
O3 GOL H . 1.68 14.04 27.97
C1 GOL I . 6.06 7.99 16.84
O1 GOL I . 5.79 7.21 15.66
C2 GOL I . 6.50 7.10 18.06
O2 GOL I . 7.87 6.76 18.08
C3 GOL I . 6.04 7.88 19.31
O3 GOL I . 6.38 7.17 20.46
C1 GOL J . -8.26 -11.01 39.79
O1 GOL J . -8.32 -12.41 39.45
C2 GOL J . -7.39 -10.84 41.11
O2 GOL J . -6.03 -11.02 40.86
C3 GOL J . -7.71 -9.42 41.68
O3 GOL J . -6.68 -9.02 42.60
C1 GOL K . 8.75 30.19 7.84
O1 GOL K . 8.08 31.29 7.25
C2 GOL K . 10.02 29.99 7.00
O2 GOL K . 9.71 29.59 5.73
C3 GOL K . 10.68 31.39 6.99
O3 GOL K . 11.89 31.18 6.31
C1 GOL L . 5.73 11.43 32.87
O1 GOL L . 6.51 11.48 31.75
C2 GOL L . 6.67 11.28 34.13
O2 GOL L . 7.15 10.01 34.27
C3 GOL L . 5.77 11.56 35.23
O3 GOL L . 4.90 10.50 35.27
C1 GOL M . 6.84 -8.80 27.59
O1 GOL M . 6.29 -9.39 26.44
C2 GOL M . 5.70 -7.98 28.22
O2 GOL M . 4.62 -8.79 28.49
C3 GOL M . 6.26 -7.38 29.52
O3 GOL M . 6.31 -8.46 30.42
C1 GOL N . 3.30 -18.58 -9.24
O1 GOL N . 3.60 -19.63 -10.12
C2 GOL N . 4.65 -18.00 -8.75
O2 GOL N . 4.40 -16.82 -8.02
C3 GOL N . 5.17 -19.15 -7.83
O3 GOL N . 6.38 -18.76 -7.26
C1 GOL O . 12.01 -3.38 17.81
O1 GOL O . 13.39 -3.74 17.91
C2 GOL O . 11.90 -1.89 18.12
O2 GOL O . 13.15 -1.29 18.13
C3 GOL O . 10.93 -1.29 17.03
O3 GOL O . 11.30 0.07 16.78
C1 GOL P . -4.96 -17.41 29.85
O1 GOL P . -6.16 -17.36 29.10
C2 GOL P . -5.23 -16.56 31.11
O2 GOL P . -6.00 -15.40 30.82
C3 GOL P . -3.82 -16.25 31.72
O3 GOL P . -4.04 -15.88 33.04
C1 GOL Q . 19.16 23.62 6.33
O1 GOL Q . 18.02 22.91 6.35
C2 GOL Q . 20.11 22.79 7.12
O2 GOL Q . 21.00 22.14 6.27
C3 GOL Q . 20.75 23.82 8.10
O3 GOL Q . 21.93 23.26 8.64
C1 GOL R . 3.31 -7.70 36.22
O1 GOL R . 2.38 -8.69 36.06
C2 GOL R . 4.69 -8.41 36.35
O2 GOL R . 5.70 -7.63 35.80
C3 GOL R . 4.54 -9.81 35.66
O3 GOL R . 5.67 -10.07 34.86
C1 GOL S . 6.22 -24.37 -2.31
O1 GOL S . 5.78 -24.46 -3.64
C2 GOL S . 5.26 -25.23 -1.48
O2 GOL S . 3.99 -25.28 -2.06
C3 GOL S . 5.26 -24.59 -0.08
O3 GOL S . 4.64 -25.50 0.80
C1 GOL T . 10.26 -14.85 16.84
O1 GOL T . 11.06 -15.43 15.83
C2 GOL T . 11.25 -14.34 17.92
O2 GOL T . 11.58 -13.03 17.73
C3 GOL T . 10.55 -14.53 19.27
O3 GOL T . 9.39 -13.79 19.19
C1 GOL U . 19.68 12.45 21.46
O1 GOL U . 19.07 11.52 20.64
C2 GOL U . 20.27 13.55 20.58
O2 GOL U . 19.39 14.62 20.47
C3 GOL U . 21.65 13.95 21.27
O3 GOL U . 21.36 14.34 22.53
C1 GOL V . 17.42 8.07 19.78
O1 GOL V . 18.55 8.36 20.63
C2 GOL V . 16.30 9.13 20.16
O2 GOL V . 16.79 10.41 20.25
C3 GOL V . 15.30 9.04 19.10
O3 GOL V . 14.14 8.55 19.69
C1 GOL W . 18.67 -2.35 -11.69
O1 GOL W . 17.49 -2.37 -10.97
C2 GOL W . 19.64 -1.39 -10.93
O2 GOL W . 20.04 -1.88 -9.67
C3 GOL W . 20.81 -1.15 -11.90
O3 GOL W . 21.67 -0.26 -11.23
C1 GOL X . 5.76 29.01 5.30
O1 GOL X . 6.68 28.42 4.37
C2 GOL X . 4.57 29.57 4.40
O2 GOL X . 4.04 28.60 3.65
C3 GOL X . 3.47 30.21 5.33
O3 GOL X . 3.65 31.63 5.27
C13 U4I Y . -12.52 6.23 13.53
C15 U4I Y . -11.72 7.30 15.67
C20 U4I Y . -8.32 5.78 14.91
C21 U4I Y . -7.57 4.63 15.15
C22 U4I Y . -6.66 4.54 16.37
C24 U4I Y . -8.48 3.69 13.14
C28 U4I Y . -9.26 4.82 12.86
C01 U4I Y . -21.51 2.95 12.27
C02 U4I Y . -20.86 4.34 12.20
C05 U4I Y . -18.68 5.70 12.85
C06 U4I Y . -19.10 7.01 12.71
C07 U4I Y . -18.20 8.06 12.78
C08 U4I Y . -16.84 7.82 12.97
C09 U4I Y . -16.42 6.51 13.11
C11 U4I Y . -13.87 6.96 13.34
C19 U4I Y . -9.14 5.83 13.78
C23 U4I Y . -7.64 3.61 14.24
C25 U4I Y . -8.52 2.53 12.13
C29 U4I Y . -17.33 5.48 13.06
F26 U4I Y . -9.80 2.13 12.06
F27 U4I Y . -8.25 3.08 10.87
N04 U4I Y . -19.54 4.51 12.81
N10 U4I Y . -15.04 6.09 13.31
N14 U4I Y . -11.61 7.11 14.23
O03 U4I Y . -21.43 5.24 11.69
O12 U4I Y . -13.89 8.15 13.26
O17 U4I Y . -10.29 7.53 12.04
O18 U4I Y . -9.37 8.45 14.01
S16 U4I Y . -10.12 7.32 13.49
C1 GOL Z . -8.44 -2.72 15.47
O1 GOL Z . -9.02 -1.60 16.07
C2 GOL Z . -7.20 -2.91 16.31
O2 GOL Z . -7.22 -2.05 17.39
C3 GOL Z . -7.23 -4.33 16.81
O3 GOL Z . -5.95 -4.51 17.40
C1 GOL AA . 13.61 5.95 -15.80
O1 GOL AA . 13.04 6.95 -16.64
C2 GOL AA . 13.70 4.61 -16.62
O2 GOL AA . 14.97 3.96 -16.51
C3 GOL AA . 12.52 3.78 -16.02
O3 GOL AA . 12.42 2.49 -16.61
PA FAD BA . 2.04 -10.11 -24.40
O1A FAD BA . 2.62 -9.13 -23.41
O2A FAD BA . 0.91 -9.70 -25.28
O5B FAD BA . 3.25 -10.52 -25.28
C5B FAD BA . 3.08 -11.48 -26.35
C4B FAD BA . 4.22 -11.32 -27.33
O4B FAD BA . 4.17 -12.43 -28.25
C3B FAD BA . 4.16 -10.05 -28.18
O3B FAD BA . 5.30 -9.26 -27.86
C2B FAD BA . 4.19 -10.57 -29.65
O2B FAD BA . 5.07 -9.83 -30.52
C1B FAD BA . 4.71 -11.99 -29.48
N9A FAD BA . 4.28 -12.94 -30.50
C8A FAD BA . 3.00 -13.20 -30.94
N7A FAD BA . 2.95 -14.14 -31.86
C5A FAD BA . 4.28 -14.51 -32.04
C6A FAD BA . 4.90 -15.49 -32.86
N6A FAD BA . 4.25 -16.30 -33.71
N1A FAD BA . 6.25 -15.61 -32.77
C2A FAD BA . 6.93 -14.83 -31.92
N3A FAD BA . 6.43 -13.91 -31.07
C4A FAD BA . 5.10 -13.79 -31.20
N1 FAD BA . -1.99 -6.14 -17.07
C2 FAD BA . -1.71 -6.07 -15.74
O2 FAD BA . -1.53 -7.09 -15.07
N3 FAD BA . -1.67 -4.82 -15.12
C4 FAD BA . -1.84 -3.58 -15.76
O4 FAD BA . -1.76 -2.52 -15.15
C4X FAD BA . -2.09 -3.68 -17.18
N5 FAD BA . -2.26 -2.53 -17.88
C5X FAD BA . -2.49 -2.66 -19.27
C6 FAD BA . -2.68 -1.49 -20.05
C7 FAD BA . -2.91 -1.60 -21.43
C7M FAD BA . -3.08 -0.35 -22.26
C8 FAD BA . -2.96 -2.87 -22.05
C8M FAD BA . -3.20 -3.00 -23.54
C9 FAD BA . -2.78 -4.01 -21.27
C9A FAD BA . -2.54 -3.92 -19.90
N10 FAD BA . -2.40 -5.06 -19.11
C10 FAD BA . -2.14 -4.99 -17.75
C1' FAD BA . -2.44 -6.39 -19.70
C2' FAD BA . -1.05 -6.91 -19.97
O2' FAD BA . -0.42 -6.07 -20.93
C3' FAD BA . -1.15 -8.34 -20.53
O3' FAD BA . -1.87 -9.17 -19.63
C4' FAD BA . 0.24 -8.94 -20.69
O4' FAD BA . 1.07 -8.15 -21.54
C5' FAD BA . 0.10 -10.36 -21.16
O5' FAD BA . 1.42 -10.92 -21.30
P FAD BA . 1.69 -12.11 -22.29
O1P FAD BA . 3.15 -12.46 -22.08
O2P FAD BA . 0.63 -13.08 -22.16
O3P FAD BA . 1.55 -11.42 -23.68
C1 GOL CA . -11.63 15.48 5.98
O1 GOL CA . -11.56 16.17 7.23
C2 GOL CA . -10.18 15.43 5.31
O2 GOL CA . -10.13 14.75 4.11
C3 GOL CA . -9.71 16.91 5.08
O3 GOL CA . -8.65 16.83 4.14
C1 GOL DA . -13.99 -12.27 -12.65
O1 GOL DA . -14.05 -13.27 -11.64
C2 GOL DA . -12.71 -11.44 -12.43
O2 GOL DA . -11.57 -12.22 -12.47
C3 GOL DA . -12.69 -10.37 -13.53
O3 GOL DA . -11.71 -9.42 -13.16
C1 GOL EA . -5.40 -4.67 -17.45
O1 GOL EA . -6.55 -5.07 -18.23
C2 GOL EA . -5.83 -3.82 -16.22
O2 GOL EA . -5.49 -4.38 -14.95
C3 GOL EA . -5.19 -2.40 -16.38
O3 GOL EA . -5.20 -1.87 -15.06
C1 GOL FA . -18.15 14.86 -22.76
O1 GOL FA . -19.07 13.79 -22.80
C2 GOL FA . -18.05 15.30 -21.30
O2 GOL FA . -17.92 14.25 -20.47
C3 GOL FA . -16.72 16.00 -21.23
O3 GOL FA . -15.91 15.04 -20.61
C1 GOL GA . 8.23 -21.38 -43.89
O1 GOL GA . 7.64 -22.09 -44.96
C2 GOL GA . 7.05 -20.62 -43.18
O2 GOL GA . 6.23 -21.44 -42.38
C3 GOL GA . 7.69 -19.48 -42.43
O3 GOL GA . 6.88 -18.37 -42.78
C1 GOL HA . -5.99 -13.85 -34.66
O1 GOL HA . -5.55 -14.73 -33.69
C2 GOL HA . -7.08 -13.16 -33.92
O2 GOL HA . -7.65 -14.09 -33.09
C3 GOL HA . -6.33 -12.01 -33.15
O3 GOL HA . -6.79 -12.00 -31.84
C1 GOL IA . -8.75 -24.17 -0.19
O1 GOL IA . -9.83 -23.29 -0.14
C2 GOL IA . -7.52 -23.29 -0.43
O2 GOL IA . -7.80 -22.31 -1.36
C3 GOL IA . -6.42 -24.27 -0.93
O3 GOL IA . -5.40 -23.46 -1.50
C1 GOL JA . -11.29 -4.71 -14.06
O1 GOL JA . -12.58 -5.08 -13.72
C2 GOL JA . -10.54 -6.04 -14.25
O2 GOL JA . -11.24 -6.89 -15.13
C3 GOL JA . -9.13 -5.65 -14.81
O3 GOL JA . -8.19 -5.79 -13.79
C1 GOL KA . 19.76 -21.02 -20.52
O1 GOL KA . 19.70 -21.03 -21.92
C2 GOL KA . 20.75 -22.17 -20.06
O2 GOL KA . 22.07 -21.94 -20.42
C3 GOL KA . 20.59 -22.21 -18.52
O3 GOL KA . 21.07 -23.45 -18.16
C1 GOL LA . -8.86 18.19 -1.02
O1 GOL LA . -9.35 17.32 -1.96
C2 GOL LA . -8.53 17.36 0.22
O2 GOL LA . -9.62 16.59 0.63
C3 GOL LA . -8.13 18.41 1.29
O3 GOL LA . -9.18 18.55 2.20
C1 GOL MA . -10.79 -23.54 9.26
O1 GOL MA . -9.66 -24.28 9.63
C2 GOL MA . -10.83 -23.59 7.72
O2 GOL MA . -9.52 -23.47 7.19
C3 GOL MA . -11.41 -24.97 7.40
O3 GOL MA . -11.92 -24.91 6.09
C1 GOL NA . -17.29 -5.02 -21.07
O1 GOL NA . -18.59 -5.10 -21.81
C2 GOL NA . -16.39 -4.47 -22.17
O2 GOL NA . -17.09 -3.57 -23.03
C3 GOL NA . -15.15 -3.89 -21.47
O3 GOL NA . -14.24 -4.97 -21.12
C1 GOL OA . -19.66 -2.46 -27.51
O1 GOL OA . -20.75 -3.00 -28.26
C2 GOL OA . -20.16 -1.23 -26.68
O2 GOL OA . -21.49 -1.25 -26.49
C3 GOL OA . -19.28 -1.11 -25.36
O3 GOL OA . -19.13 -2.38 -24.60
C1 GOL PA . 18.93 -1.76 -18.00
O1 GOL PA . 19.45 -2.90 -17.38
C2 GOL PA . 18.31 -0.97 -16.85
O2 GOL PA . 19.23 -0.85 -15.79
C3 GOL PA . 17.99 0.38 -17.49
O3 GOL PA . 17.84 1.30 -16.41
#